data_9HUW
#
_entry.id   9HUW
#
_cell.length_a   74.405
_cell.length_b   90.348
_cell.length_c   82.807
_cell.angle_alpha   90.00
_cell.angle_beta   115.43
_cell.angle_gamma   90.00
#
_symmetry.space_group_name_H-M   'P 1 21 1'
#
loop_
_entity.id
_entity.type
_entity.pdbx_description
1 polymer 'Pteridine reductase'
2 non-polymer 'NADPH DIHYDRO-NICOTINAMIDE-ADENINE-DINUCLEOTIDE PHOSPHATE'
3 non-polymer 2-azanyl-~{N}-[2-(3-bromophenyl)ethyl]-1,3-benzothiazole-6-carboxamide
4 non-polymer 1,2-ETHANEDIOL
5 water water
#
_entity_poly.entity_id   1
_entity_poly.type   'polypeptide(L)'
_entity_poly.pdbx_seq_one_letter_code
;MGSSHHHHHHSSGLVPRGSHMMEAPAAVVTGAAKRIGRAIAVKLHQTGYRVVIHYHNSAEAAVSLADELNKERSNTAVVC
QADLTNSNVLPASCEEIINSCFRAFGRCDVLVNNASAFYPTPLVQGDHEDNSNGKTVETQVAELIGTNAIAPFLLTMSFA
QRQKGTNPNCTSSNLSIVNLCDAMVDQP(CSX)MAFSLYNMGKHALVGLTQSAALELAPYGIRVNGVAPGVSLLPVAMGE
EEKDKWRRKVPLGRREASAEQIADAVIFLVSGSAQYITGSIIKVDGGLSLVHA
;
_entity_poly.pdbx_strand_id   A,B,C,D
#
loop_
_chem_comp.id
_chem_comp.type
_chem_comp.name
_chem_comp.formula
A1IXR non-polymer 2-azanyl-~{N}-[2-(3-bromophenyl)ethyl]-1,3-benzothiazole-6-carboxamide 'C16 H14 Br N3 O S'
EDO non-polymer 1,2-ETHANEDIOL 'C2 H6 O2'
NDP non-polymer 'NADPH DIHYDRO-NICOTINAMIDE-ADENINE-DINUCLEOTIDE PHOSPHATE' 'C21 H30 N7 O17 P3'
#
# COMPACT_ATOMS: atom_id res chain seq x y z
N GLU A 23 0.23 37.61 17.31
CA GLU A 23 1.65 37.46 16.86
C GLU A 23 1.78 36.32 15.85
N ALA A 24 2.98 36.21 15.26
CA ALA A 24 3.28 35.29 14.18
C ALA A 24 3.49 33.88 14.73
N PRO A 25 3.09 32.82 13.99
CA PRO A 25 3.35 31.46 14.44
C PRO A 25 4.84 31.16 14.30
N ALA A 26 5.29 30.09 14.98
CA ALA A 26 6.70 29.69 14.93
C ALA A 26 6.82 28.20 14.58
N ALA A 27 7.87 27.88 13.80
CA ALA A 27 8.11 26.54 13.34
C ALA A 27 9.53 26.14 13.72
N VAL A 28 9.71 24.86 14.08
CA VAL A 28 11.01 24.22 14.16
C VAL A 28 11.23 23.40 12.88
N VAL A 29 12.38 23.63 12.23
CA VAL A 29 12.78 22.82 11.08
C VAL A 29 14.12 22.17 11.39
N THR A 30 14.18 20.81 11.37
CA THR A 30 15.41 20.12 11.71
C THR A 30 16.27 20.01 10.46
N GLY A 31 17.59 20.00 10.65
CA GLY A 31 18.56 20.02 9.57
C GLY A 31 18.29 21.11 8.53
N ALA A 32 18.00 22.34 9.00
CA ALA A 32 17.52 23.41 8.14
C ALA A 32 18.64 24.28 7.56
N ALA A 33 19.92 23.93 7.76
CA ALA A 33 20.98 24.85 7.33
C ALA A 33 21.11 24.87 5.82
N LYS A 34 20.90 23.71 5.18
CA LYS A 34 21.15 23.61 3.75
C LYS A 34 20.02 22.83 3.10
N ARG A 35 20.01 22.84 1.77
CA ARG A 35 19.26 21.90 0.95
C ARG A 35 17.75 22.03 1.21
N ILE A 36 17.07 20.90 1.40
CA ILE A 36 15.61 20.92 1.47
C ILE A 36 15.15 21.58 2.78
N GLY A 37 15.88 21.34 3.87
CA GLY A 37 15.46 21.95 5.14
C GLY A 37 15.53 23.49 5.10
N ARG A 38 16.56 24.03 4.43
CA ARG A 38 16.67 25.47 4.27
C ARG A 38 15.50 25.97 3.43
N ALA A 39 15.19 25.26 2.33
CA ALA A 39 14.11 25.69 1.46
C ALA A 39 12.79 25.73 2.24
N ILE A 40 12.61 24.77 3.15
CA ILE A 40 11.39 24.71 3.94
C ILE A 40 11.38 25.87 4.95
N ALA A 41 12.53 26.11 5.60
CA ALA A 41 12.58 27.19 6.59
C ALA A 41 12.29 28.52 5.90
N VAL A 42 12.87 28.72 4.71
CA VAL A 42 12.72 29.94 3.94
C VAL A 42 11.27 30.15 3.54
N LYS A 43 10.60 29.08 3.07
CA LYS A 43 9.24 29.24 2.59
C LYS A 43 8.32 29.43 3.79
N LEU A 44 8.61 28.74 4.91
CA LEU A 44 7.78 29.01 6.08
C LEU A 44 7.94 30.48 6.50
N HIS A 45 9.18 30.99 6.41
CA HIS A 45 9.48 32.37 6.80
C HIS A 45 8.74 33.35 5.90
N GLN A 46 8.75 33.11 4.58
CA GLN A 46 8.07 33.98 3.63
C GLN A 46 6.56 33.97 3.84
N THR A 47 6.02 32.88 4.39
CA THR A 47 4.60 32.73 4.70
C THR A 47 4.23 33.44 5.98
N GLY A 48 5.23 33.90 6.74
CA GLY A 48 4.94 34.61 7.97
C GLY A 48 5.35 33.92 9.26
N TYR A 49 6.02 32.75 9.20
CA TYR A 49 6.45 32.06 10.40
C TYR A 49 7.77 32.63 10.93
N ARG A 50 7.89 32.62 12.26
CA ARG A 50 9.19 32.63 12.93
C ARG A 50 9.75 31.20 12.94
N VAL A 51 11.08 31.07 12.74
CA VAL A 51 11.70 29.77 12.55
C VAL A 51 12.89 29.54 13.46
N VAL A 52 12.97 28.30 13.96
CA VAL A 52 14.16 27.72 14.56
C VAL A 52 14.83 26.90 13.47
N ILE A 53 16.06 27.31 13.12
CA ILE A 53 16.92 26.56 12.23
C ILE A 53 17.79 25.60 13.05
N HIS A 54 17.39 24.32 13.11
CA HIS A 54 18.23 23.32 13.76
C HIS A 54 19.35 22.97 12.79
N TYR A 55 20.56 22.72 13.32
CA TYR A 55 21.65 22.16 12.53
C TYR A 55 22.51 21.30 13.45
N HIS A 56 23.44 20.56 12.87
CA HIS A 56 24.32 19.72 13.65
C HIS A 56 25.76 20.23 13.45
N ASN A 57 26.26 20.09 12.22
CA ASN A 57 27.64 20.42 11.85
C ASN A 57 27.70 21.73 11.05
N SER A 58 26.61 22.10 10.37
CA SER A 58 26.63 23.22 9.43
C SER A 58 26.42 24.56 10.15
N ALA A 59 27.34 24.89 11.05
CA ALA A 59 27.24 26.08 11.88
C ALA A 59 27.21 27.35 11.04
N GLU A 60 28.14 27.47 10.10
CA GLU A 60 28.28 28.67 9.28
C GLU A 60 27.01 28.87 8.47
N ALA A 61 26.55 27.80 7.79
CA ALA A 61 25.41 27.93 6.91
C ALA A 61 24.14 28.26 7.69
N ALA A 62 23.99 27.72 8.92
CA ALA A 62 22.83 27.99 9.75
C ALA A 62 22.76 29.46 10.17
N VAL A 63 23.90 30.00 10.63
CA VAL A 63 23.92 31.37 11.12
C VAL A 63 23.72 32.33 9.95
N SER A 64 24.31 31.99 8.79
CA SER A 64 24.14 32.80 7.59
C SER A 64 22.65 32.89 7.20
N LEU A 65 21.91 31.78 7.33
CA LEU A 65 20.51 31.76 6.96
C LEU A 65 19.68 32.58 7.94
N ALA A 66 19.95 32.43 9.25
CA ALA A 66 19.21 33.19 10.26
C ALA A 66 19.43 34.69 10.05
N ASP A 67 20.67 35.06 9.72
CA ASP A 67 21.09 36.43 9.45
C ASP A 67 20.24 36.97 8.30
N GLU A 68 20.24 36.25 7.18
CA GLU A 68 19.43 36.56 6.00
C GLU A 68 17.96 36.77 6.41
N LEU A 69 17.42 35.87 7.23
CA LEU A 69 15.99 35.92 7.47
C LEU A 69 15.70 37.07 8.41
N ASN A 70 16.60 37.30 9.37
CA ASN A 70 16.44 38.36 10.35
C ASN A 70 16.54 39.74 9.69
N LYS A 71 17.39 39.82 8.64
CA LYS A 71 17.54 41.04 7.86
C LYS A 71 16.25 41.36 7.10
N GLU A 72 15.36 40.36 6.94
CA GLU A 72 14.11 40.55 6.25
C GLU A 72 13.03 41.01 7.23
N ARG A 73 12.99 40.37 8.41
CA ARG A 73 12.21 40.84 9.54
C ARG A 73 13.00 40.45 10.77
N SER A 74 13.28 41.42 11.66
CA SER A 74 14.18 41.13 12.76
C SER A 74 13.49 40.32 13.85
N ASN A 75 14.32 39.57 14.60
CA ASN A 75 13.89 38.67 15.66
C ASN A 75 12.90 37.63 15.12
N THR A 76 13.15 37.08 13.92
CA THR A 76 12.24 36.05 13.42
C THR A 76 12.92 34.69 13.18
N ALA A 77 14.25 34.62 13.28
CA ALA A 77 14.97 33.37 13.09
C ALA A 77 16.01 33.19 14.21
N VAL A 78 16.10 31.98 14.79
CA VAL A 78 17.21 31.55 15.62
C VAL A 78 17.78 30.25 15.08
N VAL A 79 19.00 29.91 15.50
CA VAL A 79 19.61 28.61 15.24
C VAL A 79 19.56 27.78 16.52
N CYS A 80 19.84 26.47 16.38
CA CYS A 80 19.82 25.55 17.50
C CYS A 80 20.61 24.29 17.13
N GLN A 81 21.69 24.03 17.85
CA GLN A 81 22.60 22.96 17.49
C GLN A 81 22.17 21.74 18.28
N ALA A 82 22.14 20.57 17.61
CA ALA A 82 21.94 19.31 18.32
C ALA A 82 22.33 18.16 17.39
N ASP A 83 23.04 17.18 17.96
CA ASP A 83 23.22 15.88 17.33
C ASP A 83 21.91 15.11 17.49
N LEU A 84 21.41 14.53 16.39
CA LEU A 84 20.18 13.75 16.42
C LEU A 84 20.44 12.26 16.33
N THR A 85 21.71 11.88 16.52
CA THR A 85 22.11 10.49 16.66
C THR A 85 21.41 9.91 17.89
N ASN A 86 20.98 8.65 17.84
CA ASN A 86 20.37 8.02 19.01
C ASN A 86 21.40 7.85 20.14
N SER A 87 20.97 8.11 21.38
CA SER A 87 21.77 7.89 22.57
C SER A 87 20.85 8.14 23.76
N ASN A 88 21.39 7.96 24.97
CA ASN A 88 20.60 8.23 26.16
C ASN A 88 20.34 9.73 26.32
N VAL A 89 21.06 10.60 25.60
CA VAL A 89 20.75 12.01 25.74
C VAL A 89 19.87 12.55 24.62
N LEU A 90 19.53 11.71 23.64
CA LEU A 90 18.74 12.22 22.54
C LEU A 90 17.43 12.81 23.07
N PRO A 91 16.75 12.20 24.05
CA PRO A 91 15.53 12.81 24.57
C PRO A 91 15.74 14.26 25.03
N ALA A 92 16.83 14.47 25.81
CA ALA A 92 17.09 15.82 26.32
C ALA A 92 17.34 16.77 25.15
N SER A 93 18.10 16.33 24.15
CA SER A 93 18.40 17.24 23.06
C SER A 93 17.13 17.58 22.28
N CYS A 94 16.22 16.60 22.12
CA CYS A 94 15.01 16.89 21.36
C CYS A 94 14.13 17.82 22.17
N GLU A 95 14.07 17.58 23.50
CA GLU A 95 13.37 18.50 24.39
C GLU A 95 13.90 19.93 24.24
N GLU A 96 15.22 20.06 24.11
CA GLU A 96 15.88 21.37 24.07
C GLU A 96 15.54 22.08 22.76
N ILE A 97 15.46 21.33 21.65
CA ILE A 97 15.11 21.93 20.36
C ILE A 97 13.74 22.60 20.47
N ILE A 98 12.78 21.88 21.01
CA ILE A 98 11.45 22.42 21.15
C ILE A 98 11.49 23.61 22.12
N ASN A 99 12.23 23.45 23.24
CA ASN A 99 12.35 24.52 24.23
C ASN A 99 12.92 25.78 23.59
N SER A 100 13.84 25.60 22.62
CA SER A 100 14.47 26.74 21.96
CA SER A 100 14.47 26.74 21.98
C SER A 100 13.42 27.59 21.25
N CYS A 101 12.37 26.93 20.75
CA CYS A 101 11.35 27.64 20.00
C CYS A 101 10.52 28.44 20.98
N PHE A 102 10.13 27.81 22.10
CA PHE A 102 9.36 28.54 23.11
C PHE A 102 10.19 29.69 23.69
N ARG A 103 11.51 29.50 23.86
CA ARG A 103 12.33 30.52 24.48
C ARG A 103 12.49 31.71 23.54
N ALA A 104 12.58 31.44 22.23
CA ALA A 104 12.70 32.55 21.31
C ALA A 104 11.35 33.18 21.01
N PHE A 105 10.29 32.37 20.85
CA PHE A 105 9.09 32.94 20.23
C PHE A 105 7.85 32.81 21.10
N GLY A 106 7.91 32.07 22.20
CA GLY A 106 6.76 32.02 23.10
C GLY A 106 5.72 30.99 22.67
N ARG A 107 6.02 30.27 21.59
CA ARG A 107 5.08 29.30 21.06
C ARG A 107 5.82 28.40 20.08
N CYS A 108 5.23 27.23 19.76
CA CYS A 108 5.73 26.36 18.72
C CYS A 108 4.55 25.77 17.96
N ASP A 109 4.35 26.20 16.71
CA ASP A 109 3.12 25.82 16.02
C ASP A 109 3.34 24.62 15.10
N VAL A 110 4.54 24.54 14.51
CA VAL A 110 4.85 23.59 13.45
C VAL A 110 6.20 22.95 13.74
N LEU A 111 6.27 21.63 13.55
CA LEU A 111 7.51 20.88 13.62
C LEU A 111 7.68 20.18 12.28
N VAL A 112 8.82 20.45 11.63
CA VAL A 112 9.17 19.75 10.41
C VAL A 112 10.37 18.85 10.71
N ASN A 113 10.17 17.52 10.62
CA ASN A 113 11.25 16.57 10.83
C ASN A 113 11.91 16.27 9.49
N ASN A 114 13.00 17.00 9.19
CA ASN A 114 13.67 17.00 7.89
C ASN A 114 15.05 16.35 7.98
N ALA A 115 15.75 16.55 9.10
CA ALA A 115 17.11 16.05 9.31
C ALA A 115 17.15 14.55 9.03
N SER A 116 18.20 14.10 8.33
CA SER A 116 18.27 12.72 7.88
C SER A 116 19.72 12.31 7.59
N ALA A 117 20.18 11.19 8.17
CA ALA A 117 21.42 10.57 7.71
C ALA A 117 21.07 9.61 6.59
N PHE A 118 21.95 9.49 5.59
CA PHE A 118 21.68 8.66 4.44
C PHE A 118 22.98 8.07 3.89
N TYR A 119 23.17 6.75 4.07
CA TYR A 119 24.32 6.08 3.49
C TYR A 119 24.11 4.57 3.52
N PRO A 120 24.88 3.83 2.68
CA PRO A 120 24.78 2.37 2.62
C PRO A 120 25.20 1.62 3.88
N THR A 121 24.48 0.53 4.17
CA THR A 121 24.82 -0.41 5.23
C THR A 121 24.63 -1.82 4.70
N PRO A 122 25.58 -2.30 3.84
CA PRO A 122 25.42 -3.60 3.18
C PRO A 122 25.26 -4.74 4.20
N LEU A 123 24.40 -5.72 3.89
CA LEU A 123 24.14 -6.83 4.81
C LEU A 123 25.28 -7.86 4.72
N VAL A 124 25.89 -7.90 3.53
CA VAL A 124 26.92 -8.86 3.18
C VAL A 124 28.21 -8.06 3.01
N GLN A 125 29.12 -8.21 3.99
CA GLN A 125 30.23 -7.29 4.20
C GLN A 125 31.55 -8.01 3.92
N GLY A 134 35.36 2.49 8.30
CA GLY A 134 34.20 3.38 8.52
C GLY A 134 33.71 3.30 9.97
N LYS A 135 32.41 3.01 10.13
CA LYS A 135 31.74 3.10 11.40
C LYS A 135 31.38 1.71 11.92
N THR A 136 31.22 1.56 13.23
CA THR A 136 30.71 0.33 13.79
C THR A 136 29.24 0.19 13.40
N VAL A 137 28.71 -1.01 13.53
CA VAL A 137 27.32 -1.21 13.19
C VAL A 137 26.46 -0.47 14.23
N GLU A 138 26.90 -0.41 15.49
CA GLU A 138 26.04 0.26 16.45
C GLU A 138 26.02 1.77 16.20
N THR A 139 27.05 2.31 15.55
CA THR A 139 27.02 3.73 15.18
C THR A 139 26.10 3.96 13.98
N GLN A 140 26.10 3.02 13.02
CA GLN A 140 25.19 3.12 11.89
C GLN A 140 23.74 3.08 12.39
N VAL A 141 23.43 2.13 13.26
CA VAL A 141 22.09 2.06 13.83
C VAL A 141 21.74 3.39 14.48
N ALA A 142 22.61 3.87 15.38
CA ALA A 142 22.38 5.13 16.07
C ALA A 142 22.08 6.27 15.10
N GLU A 143 22.84 6.38 14.02
CA GLU A 143 22.68 7.53 13.14
C GLU A 143 21.49 7.36 12.21
N LEU A 144 21.34 6.20 11.56
CA LEU A 144 20.30 6.13 10.54
C LEU A 144 18.92 5.97 11.19
N ILE A 145 18.82 5.18 12.26
CA ILE A 145 17.57 4.97 12.95
C ILE A 145 17.30 6.16 13.89
N GLY A 146 18.36 6.61 14.58
CA GLY A 146 18.26 7.80 15.41
C GLY A 146 17.76 9.04 14.67
N THR A 147 18.44 9.44 13.59
CA THR A 147 18.05 10.69 12.95
C THR A 147 16.72 10.50 12.25
N ASN A 148 16.53 9.33 11.63
CA ASN A 148 15.43 9.20 10.68
C ASN A 148 14.12 8.85 11.39
N ALA A 149 14.20 8.36 12.63
CA ALA A 149 12.98 7.86 13.26
C ALA A 149 12.89 8.18 14.74
N ILE A 150 13.95 7.87 15.51
CA ILE A 150 13.83 8.02 16.96
C ILE A 150 13.72 9.51 17.28
N ALA A 151 14.62 10.33 16.73
CA ALA A 151 14.55 11.79 16.97
C ALA A 151 13.19 12.38 16.58
N PRO A 152 12.63 12.06 15.37
CA PRO A 152 11.26 12.48 15.05
C PRO A 152 10.24 12.09 16.14
N PHE A 153 10.35 10.87 16.68
CA PHE A 153 9.44 10.42 17.74
C PHE A 153 9.62 11.26 19.01
N LEU A 154 10.86 11.50 19.42
CA LEU A 154 11.11 12.26 20.65
C LEU A 154 10.70 13.72 20.47
N LEU A 155 10.98 14.29 19.29
CA LEU A 155 10.56 15.66 19.00
C LEU A 155 9.04 15.80 19.00
N THR A 156 8.37 14.75 18.50
CA THR A 156 6.91 14.76 18.40
C THR A 156 6.35 14.78 19.81
N MET A 157 6.91 13.92 20.66
CA MET A 157 6.53 13.81 22.05
CA MET A 157 6.59 13.80 22.08
C MET A 157 6.75 15.16 22.75
N SER A 158 7.91 15.80 22.56
CA SER A 158 8.19 17.07 23.23
C SER A 158 7.28 18.18 22.69
N PHE A 159 7.03 18.18 21.38
CA PHE A 159 6.19 19.19 20.77
C PHE A 159 4.81 19.09 21.38
N ALA A 160 4.31 17.85 21.53
CA ALA A 160 2.94 17.66 21.99
C ALA A 160 2.83 18.07 23.47
N GLN A 161 3.79 17.62 24.28
CA GLN A 161 3.73 17.82 25.72
C GLN A 161 3.89 19.30 26.09
N ARG A 162 4.68 20.04 25.32
CA ARG A 162 4.91 21.47 25.59
C ARG A 162 3.71 22.33 25.18
N GLN A 163 2.71 21.77 24.49
CA GLN A 163 1.48 22.52 24.26
C GLN A 163 0.69 22.59 25.58
N LYS A 164 0.64 23.80 26.16
CA LYS A 164 -0.09 24.07 27.39
C LYS A 164 -0.18 25.60 27.61
N SER A 173 -5.82 28.67 15.93
CA SER A 173 -4.49 28.01 15.88
C SER A 173 -4.51 26.72 15.06
N ASN A 174 -3.32 26.35 14.56
CA ASN A 174 -3.22 25.32 13.57
C ASN A 174 -1.90 24.58 13.80
N LEU A 175 -1.92 23.65 14.76
CA LEU A 175 -0.72 22.90 15.11
C LEU A 175 -0.53 21.70 14.17
N SER A 176 0.67 21.56 13.58
CA SER A 176 0.90 20.33 12.82
C SER A 176 2.39 19.95 12.76
N ILE A 177 2.62 18.69 12.41
CA ILE A 177 3.94 18.13 12.23
C ILE A 177 3.99 17.59 10.80
N VAL A 178 5.12 17.84 10.13
CA VAL A 178 5.36 17.31 8.81
C VAL A 178 6.68 16.51 8.84
N ASN A 179 6.62 15.23 8.42
CA ASN A 179 7.76 14.33 8.42
C ASN A 179 8.26 14.18 6.99
N LEU A 180 9.54 14.36 6.75
CA LEU A 180 10.08 14.14 5.40
C LEU A 180 10.36 12.64 5.23
N CYS A 181 9.51 12.00 4.42
CA CYS A 181 9.55 10.56 4.24
C CYS A 181 10.35 10.27 2.98
N ASP A 182 10.01 9.19 2.25
CA ASP A 182 10.76 8.81 1.06
C ASP A 182 9.81 8.07 0.11
N ALA A 183 9.60 8.59 -1.11
CA ALA A 183 8.63 7.98 -2.02
C ALA A 183 9.07 6.58 -2.44
N MET A 184 10.36 6.28 -2.25
CA MET A 184 10.89 5.02 -2.78
C MET A 184 11.09 3.98 -1.68
N VAL A 185 10.38 4.10 -0.55
CA VAL A 185 10.59 3.18 0.57
C VAL A 185 10.24 1.76 0.18
N ASP A 186 9.36 1.55 -0.81
CA ASP A 186 8.98 0.18 -1.12
C ASP A 186 9.74 -0.32 -2.35
N GLN A 187 10.64 0.48 -2.87
CA GLN A 187 11.46 -0.01 -3.97
C GLN A 187 12.87 0.47 -3.65
N PRO A 188 13.51 -0.03 -2.58
CA PRO A 188 14.68 0.65 -2.02
C PRO A 188 15.93 0.49 -2.87
N CSX A 189 16.90 1.37 -2.67
CA CSX A 189 18.25 1.20 -3.19
CB CSX A 189 19.14 2.39 -2.91
SG CSX A 189 18.59 3.88 -3.78
C CSX A 189 18.91 -0.03 -2.54
O CSX A 189 18.68 -0.33 -1.37
OD CSX A 189 19.30 3.83 -5.12
N MET A 190 19.69 -0.74 -3.33
CA MET A 190 20.42 -1.91 -2.90
C MET A 190 21.35 -1.49 -1.77
N ALA A 191 21.33 -2.23 -0.65
CA ALA A 191 22.29 -2.12 0.44
C ALA A 191 22.02 -0.94 1.38
N PHE A 192 20.79 -0.39 1.36
CA PHE A 192 20.42 0.69 2.27
C PHE A 192 19.39 0.22 3.31
N SER A 193 19.55 -0.99 3.86
CA SER A 193 18.52 -1.56 4.73
CA SER A 193 18.58 -1.60 4.78
C SER A 193 18.26 -0.68 5.95
N LEU A 194 19.30 -0.16 6.61
CA LEU A 194 19.05 0.59 7.84
C LEU A 194 18.38 1.92 7.51
N TYR A 195 18.83 2.60 6.46
CA TYR A 195 18.13 3.80 6.04
C TYR A 195 16.66 3.48 5.74
N ASN A 196 16.40 2.39 5.01
CA ASN A 196 15.01 2.11 4.62
C ASN A 196 14.18 1.76 5.86
N MET A 197 14.81 1.10 6.83
CA MET A 197 14.11 0.72 8.05
C MET A 197 13.69 1.97 8.81
N GLY A 198 14.58 2.97 8.84
CA GLY A 198 14.30 4.21 9.55
C GLY A 198 13.16 5.00 8.87
N LYS A 199 13.17 5.09 7.53
CA LYS A 199 12.09 5.79 6.83
C LYS A 199 10.75 5.05 6.93
N HIS A 200 10.75 3.71 6.99
CA HIS A 200 9.52 2.96 7.19
C HIS A 200 8.99 3.22 8.59
N ALA A 201 9.91 3.27 9.57
CA ALA A 201 9.49 3.60 10.93
C ALA A 201 8.86 4.98 10.97
N LEU A 202 9.38 5.91 10.17
CA LEU A 202 8.85 7.28 10.15
C LEU A 202 7.42 7.30 9.56
N VAL A 203 7.16 6.43 8.58
CA VAL A 203 5.77 6.24 8.14
C VAL A 203 4.92 5.80 9.32
N GLY A 204 5.38 4.78 10.07
CA GLY A 204 4.62 4.32 11.22
C GLY A 204 4.38 5.42 12.26
N LEU A 205 5.41 6.22 12.54
CA LEU A 205 5.25 7.35 13.44
C LEU A 205 4.18 8.31 12.89
N THR A 206 4.29 8.65 11.61
CA THR A 206 3.31 9.57 11.02
C THR A 206 1.88 9.09 11.30
N GLN A 207 1.58 7.79 11.06
CA GLN A 207 0.23 7.27 11.26
C GLN A 207 -0.15 7.22 12.74
N SER A 208 0.73 6.61 13.55
CA SER A 208 0.51 6.48 14.98
C SER A 208 0.33 7.83 15.64
N ALA A 209 1.18 8.80 15.28
CA ALA A 209 1.07 10.10 15.93
C ALA A 209 -0.16 10.86 15.41
N ALA A 210 -0.49 10.72 14.11
CA ALA A 210 -1.70 11.39 13.61
C ALA A 210 -2.89 10.89 14.42
N LEU A 211 -2.93 9.58 14.64
CA LEU A 211 -4.06 8.98 15.35
C LEU A 211 -4.14 9.51 16.79
N GLU A 212 -3.00 9.47 17.50
CA GLU A 212 -2.96 9.75 18.93
C GLU A 212 -3.12 11.25 19.21
N LEU A 213 -2.55 12.09 18.35
CA LEU A 213 -2.58 13.52 18.61
C LEU A 213 -3.79 14.24 18.01
N ALA A 214 -4.59 13.55 17.18
CA ALA A 214 -5.72 14.20 16.55
C ALA A 214 -6.63 14.81 17.61
N PRO A 215 -6.92 14.09 18.73
CA PRO A 215 -7.75 14.66 19.80
C PRO A 215 -7.21 15.96 20.41
N TYR A 216 -5.91 16.23 20.22
CA TYR A 216 -5.33 17.47 20.73
C TYR A 216 -5.27 18.54 19.64
N GLY A 217 -5.84 18.25 18.46
CA GLY A 217 -5.85 19.26 17.44
C GLY A 217 -4.53 19.32 16.68
N ILE A 218 -3.62 18.38 16.94
CA ILE A 218 -2.34 18.37 16.24
C ILE A 218 -2.42 17.42 15.03
N ARG A 219 -2.20 17.94 13.82
CA ARG A 219 -2.19 17.10 12.63
C ARG A 219 -0.75 16.64 12.36
N VAL A 220 -0.62 15.43 11.80
CA VAL A 220 0.68 14.84 11.51
C VAL A 220 0.64 14.25 10.11
N ASN A 221 1.55 14.70 9.23
CA ASN A 221 1.47 14.25 7.85
C ASN A 221 2.90 14.17 7.36
N GLY A 222 3.07 13.70 6.13
CA GLY A 222 4.40 13.50 5.59
C GLY A 222 4.45 14.01 4.16
N VAL A 223 5.69 14.29 3.70
CA VAL A 223 6.00 14.66 2.32
C VAL A 223 7.08 13.69 1.90
N ALA A 224 6.86 13.01 0.76
CA ALA A 224 7.76 11.95 0.35
C ALA A 224 8.42 12.31 -0.99
N PRO A 225 9.64 12.90 -1.01
CA PRO A 225 10.33 13.18 -2.26
C PRO A 225 10.73 11.87 -2.91
N GLY A 226 10.88 11.91 -4.23
CA GLY A 226 11.54 10.83 -4.93
C GLY A 226 13.03 11.12 -5.03
N VAL A 227 13.43 11.64 -6.19
CA VAL A 227 14.76 12.19 -6.35
C VAL A 227 14.66 13.71 -6.32
N SER A 228 15.41 14.30 -5.41
CA SER A 228 15.39 15.74 -5.33
C SER A 228 16.84 16.17 -5.46
N LEU A 229 17.25 17.15 -4.67
CA LEU A 229 18.65 17.57 -4.67
C LEU A 229 19.50 16.32 -4.53
N LEU A 230 20.30 16.07 -5.56
CA LEU A 230 21.15 14.90 -5.60
C LEU A 230 22.29 15.16 -4.62
N PRO A 231 22.99 14.10 -4.12
CA PRO A 231 24.14 14.30 -3.24
C PRO A 231 25.22 15.19 -3.87
N VAL A 232 25.72 16.12 -3.05
CA VAL A 232 26.77 17.05 -3.45
C VAL A 232 27.97 16.27 -3.99
N ALA A 233 28.17 15.06 -3.46
CA ALA A 233 29.27 14.17 -3.80
C ALA A 233 29.12 13.56 -5.20
N MET A 234 27.88 13.21 -5.59
CA MET A 234 27.58 12.45 -6.80
C MET A 234 28.09 13.18 -8.04
N GLY A 235 28.56 12.42 -9.04
CA GLY A 235 29.02 13.01 -10.28
C GLY A 235 27.85 13.30 -11.22
N GLU A 236 28.08 14.15 -12.23
CA GLU A 236 27.06 14.55 -13.19
C GLU A 236 26.53 13.35 -13.97
N GLU A 237 27.43 12.40 -14.25
CA GLU A 237 27.12 11.21 -15.03
C GLU A 237 25.99 10.44 -14.33
N GLU A 238 26.20 10.20 -13.03
CA GLU A 238 25.28 9.45 -12.20
C GLU A 238 23.98 10.27 -12.10
N LYS A 239 24.07 11.56 -11.75
CA LYS A 239 22.91 12.45 -11.67
C LYS A 239 21.94 12.25 -12.84
N ASP A 240 22.47 12.31 -14.08
CA ASP A 240 21.67 12.23 -15.30
C ASP A 240 21.03 10.86 -15.50
N LYS A 241 21.70 9.81 -15.04
CA LYS A 241 21.11 8.48 -14.96
C LYS A 241 19.84 8.52 -14.10
N TRP A 242 19.92 9.12 -12.90
CA TRP A 242 18.75 9.19 -12.05
C TRP A 242 17.70 10.13 -12.65
N ARG A 243 18.11 11.29 -13.19
CA ARG A 243 17.18 12.22 -13.83
C ARG A 243 16.33 11.58 -14.92
N ARG A 244 16.97 10.78 -15.79
CA ARG A 244 16.32 10.18 -16.94
C ARG A 244 15.23 9.17 -16.54
N LYS A 245 15.19 8.77 -15.26
CA LYS A 245 14.18 7.81 -14.85
C LYS A 245 12.86 8.51 -14.47
N VAL A 246 12.88 9.82 -14.24
CA VAL A 246 11.71 10.56 -13.77
C VAL A 246 10.75 10.81 -14.90
N PRO A 247 9.53 10.21 -14.92
CA PRO A 247 8.57 10.44 -16.00
C PRO A 247 8.22 11.90 -16.26
N LEU A 248 7.98 12.66 -15.18
CA LEU A 248 7.52 14.05 -15.33
C LEU A 248 8.73 14.97 -15.48
N GLY A 249 9.28 15.05 -16.69
CA GLY A 249 10.24 16.10 -16.99
C GLY A 249 11.69 15.62 -16.97
N ARG A 250 11.91 14.35 -16.62
CA ARG A 250 13.25 13.76 -16.56
C ARG A 250 14.18 14.67 -15.76
N ARG A 251 13.73 15.09 -14.59
CA ARG A 251 14.59 15.90 -13.75
C ARG A 251 14.15 15.69 -12.30
N GLU A 252 15.08 15.99 -11.38
CA GLU A 252 14.86 15.89 -9.96
C GLU A 252 13.92 17.01 -9.53
N ALA A 253 13.26 16.82 -8.38
CA ALA A 253 12.54 17.88 -7.69
C ALA A 253 13.50 18.98 -7.22
N SER A 254 13.09 20.24 -7.38
CA SER A 254 13.73 21.37 -6.73
C SER A 254 13.37 21.37 -5.24
N ALA A 255 14.21 22.03 -4.42
CA ALA A 255 13.97 22.09 -3.00
C ALA A 255 12.65 22.80 -2.77
N GLU A 256 12.40 23.81 -3.61
CA GLU A 256 11.21 24.63 -3.55
C GLU A 256 9.95 23.79 -3.74
N GLN A 257 10.01 22.85 -4.69
CA GLN A 257 8.87 21.97 -4.98
C GLN A 257 8.52 21.09 -3.78
N ILE A 258 9.55 20.56 -3.10
CA ILE A 258 9.36 19.84 -1.85
C ILE A 258 8.76 20.77 -0.79
N ALA A 259 9.36 21.97 -0.63
CA ALA A 259 8.87 22.93 0.35
C ALA A 259 7.39 23.28 0.11
N ASP A 260 7.02 23.40 -1.17
CA ASP A 260 5.63 23.70 -1.53
C ASP A 260 4.64 22.74 -0.87
N ALA A 261 4.97 21.45 -0.84
CA ALA A 261 4.03 20.48 -0.28
C ALA A 261 3.96 20.62 1.24
N VAL A 262 5.10 20.94 1.88
CA VAL A 262 5.14 21.18 3.33
C VAL A 262 4.25 22.36 3.67
N ILE A 263 4.40 23.45 2.89
CA ILE A 263 3.59 24.65 3.08
C ILE A 263 2.11 24.31 2.97
N PHE A 264 1.74 23.52 1.94
CA PHE A 264 0.35 23.09 1.86
C PHE A 264 -0.09 22.40 3.15
N LEU A 265 0.68 21.42 3.65
CA LEU A 265 0.21 20.59 4.74
C LEU A 265 0.06 21.37 6.05
N VAL A 266 0.86 22.44 6.22
CA VAL A 266 0.74 23.24 7.44
C VAL A 266 -0.38 24.28 7.31
N SER A 267 -0.76 24.61 6.06
CA SER A 267 -1.72 25.67 5.79
C SER A 267 -3.13 25.33 6.28
N GLY A 268 -3.99 26.37 6.34
CA GLY A 268 -5.42 26.20 6.58
C GLY A 268 -6.14 25.43 5.47
N SER A 269 -5.48 25.25 4.32
CA SER A 269 -6.07 24.48 3.23
C SER A 269 -5.99 22.97 3.49
N ALA A 270 -5.28 22.55 4.55
CA ALA A 270 -5.11 21.13 4.87
C ALA A 270 -5.68 20.82 6.25
N GLN A 271 -6.66 21.62 6.70
CA GLN A 271 -7.11 21.52 8.08
C GLN A 271 -7.76 20.19 8.41
N TYR A 272 -8.23 19.43 7.41
CA TYR A 272 -8.84 18.15 7.75
C TYR A 272 -7.89 16.99 7.42
N ILE A 273 -6.66 17.29 6.99
CA ILE A 273 -5.71 16.28 6.54
C ILE A 273 -4.80 15.86 7.68
N THR A 274 -4.79 14.56 8.02
CA THR A 274 -3.89 14.03 9.05
C THR A 274 -3.67 12.55 8.74
N GLY A 275 -2.42 12.09 8.96
CA GLY A 275 -1.97 10.76 8.63
C GLY A 275 -1.76 10.55 7.13
N SER A 276 -1.68 11.63 6.34
CA SER A 276 -1.52 11.51 4.89
C SER A 276 -0.06 11.73 4.53
N ILE A 277 0.44 11.01 3.54
CA ILE A 277 1.80 11.24 3.08
C ILE A 277 1.74 11.54 1.60
N ILE A 278 2.19 12.75 1.22
CA ILE A 278 2.04 13.21 -0.14
C ILE A 278 3.36 12.93 -0.86
N LYS A 279 3.31 12.16 -1.94
CA LYS A 279 4.54 11.91 -2.68
C LYS A 279 4.75 13.14 -3.54
N VAL A 280 6.01 13.52 -3.70
CA VAL A 280 6.39 14.61 -4.58
C VAL A 280 7.56 14.08 -5.39
N ASP A 281 7.26 13.25 -6.40
CA ASP A 281 8.28 12.37 -6.97
C ASP A 281 8.25 12.36 -8.49
N GLY A 282 7.44 13.23 -9.11
CA GLY A 282 7.39 13.26 -10.56
C GLY A 282 6.97 11.92 -11.20
N GLY A 283 6.28 11.06 -10.46
CA GLY A 283 5.95 9.73 -11.01
C GLY A 283 7.01 8.64 -10.83
N LEU A 284 8.14 8.96 -10.18
CA LEU A 284 9.26 8.01 -10.15
C LEU A 284 8.88 6.66 -9.52
N SER A 285 8.11 6.71 -8.45
CA SER A 285 7.74 5.48 -7.75
C SER A 285 6.81 4.58 -8.59
N LEU A 286 6.28 5.05 -9.71
CA LEU A 286 5.39 4.22 -10.52
C LEU A 286 6.16 3.46 -11.60
N VAL A 287 7.45 3.77 -11.78
CA VAL A 287 8.20 3.21 -12.90
C VAL A 287 8.73 1.82 -12.49
N HIS A 288 8.37 0.79 -13.26
CA HIS A 288 8.88 -0.54 -13.00
C HIS A 288 10.36 -0.65 -13.38
N ALA A 289 11.00 -1.73 -12.93
CA ALA A 289 12.41 -1.99 -13.18
C ALA A 289 12.68 -2.11 -14.67
N GLU B 23 -5.60 35.10 -20.94
CA GLU B 23 -6.59 34.01 -21.25
C GLU B 23 -6.73 33.10 -20.02
N ALA B 24 -7.91 33.12 -19.39
CA ALA B 24 -8.15 32.31 -18.19
C ALA B 24 -8.15 30.82 -18.55
N PRO B 25 -7.58 29.92 -17.71
CA PRO B 25 -7.63 28.47 -17.98
C PRO B 25 -9.06 27.96 -17.77
N ALA B 26 -9.31 26.73 -18.24
CA ALA B 26 -10.65 26.15 -18.19
C ALA B 26 -10.61 24.72 -17.60
N ALA B 27 -11.65 24.37 -16.85
CA ALA B 27 -11.74 23.12 -16.11
C ALA B 27 -13.07 22.45 -16.38
N VAL B 28 -13.06 21.10 -16.50
CA VAL B 28 -14.27 20.31 -16.50
C VAL B 28 -14.42 19.65 -15.12
N VAL B 29 -15.58 19.82 -14.48
CA VAL B 29 -15.88 19.08 -13.26
C VAL B 29 -17.11 18.18 -13.51
N THR B 30 -16.98 16.85 -13.31
CA THR B 30 -18.15 16.00 -13.50
C THR B 30 -18.97 15.99 -12.21
N GLY B 31 -20.29 15.74 -12.32
CA GLY B 31 -21.17 15.74 -11.14
C GLY B 31 -21.01 17.02 -10.33
N ALA B 32 -21.03 18.18 -11.01
CA ALA B 32 -20.67 19.46 -10.40
C ALA B 32 -21.88 20.22 -9.87
N ALA B 33 -23.07 19.62 -9.97
CA ALA B 33 -24.29 20.37 -9.68
C ALA B 33 -24.44 20.56 -8.18
N LYS B 34 -23.95 19.59 -7.39
CA LYS B 34 -24.28 19.50 -5.98
C LYS B 34 -23.05 19.03 -5.17
N ARG B 35 -23.06 19.33 -3.85
CA ARG B 35 -22.19 18.69 -2.88
C ARG B 35 -20.72 18.96 -3.23
N ILE B 36 -19.91 17.89 -3.31
CA ILE B 36 -18.48 18.08 -3.44
C ILE B 36 -18.13 18.67 -4.82
N GLY B 37 -18.72 18.12 -5.88
CA GLY B 37 -18.39 18.65 -7.21
C GLY B 37 -18.75 20.15 -7.33
N ARG B 38 -19.81 20.58 -6.66
CA ARG B 38 -20.20 21.98 -6.66
C ARG B 38 -19.14 22.83 -5.97
N ALA B 39 -18.64 22.39 -4.81
CA ALA B 39 -17.61 23.12 -4.07
C ALA B 39 -16.33 23.18 -4.89
N ILE B 40 -16.04 22.11 -5.62
CA ILE B 40 -14.86 22.10 -6.49
C ILE B 40 -15.01 23.16 -7.61
N ALA B 41 -16.15 23.14 -8.33
CA ALA B 41 -16.37 24.10 -9.40
C ALA B 41 -16.27 25.55 -8.89
N VAL B 42 -16.88 25.83 -7.73
CA VAL B 42 -16.88 27.16 -7.16
C VAL B 42 -15.45 27.57 -6.84
N LYS B 43 -14.67 26.65 -6.25
CA LYS B 43 -13.36 27.07 -5.80
C LYS B 43 -12.44 27.24 -7.01
N LEU B 44 -12.65 26.41 -8.04
CA LEU B 44 -11.86 26.58 -9.26
C LEU B 44 -12.19 27.94 -9.89
N HIS B 45 -13.49 28.28 -9.91
CA HIS B 45 -13.94 29.57 -10.44
C HIS B 45 -13.29 30.74 -9.67
N GLN B 46 -13.38 30.70 -8.34
CA GLN B 46 -12.80 31.73 -7.49
C GLN B 46 -11.31 31.88 -7.73
N THR B 47 -10.70 30.84 -8.31
CA THR B 47 -9.26 30.79 -8.48
C THR B 47 -8.90 31.37 -9.83
N GLY B 48 -9.91 31.53 -10.68
CA GLY B 48 -9.73 32.18 -11.97
C GLY B 48 -10.08 31.28 -13.15
N TYR B 49 -10.55 30.05 -12.87
CA TYR B 49 -10.89 29.15 -13.96
C TYR B 49 -12.28 29.45 -14.47
N ARG B 50 -12.43 29.26 -15.78
CA ARG B 50 -13.73 29.03 -16.38
C ARG B 50 -14.10 27.56 -16.21
N VAL B 51 -15.40 27.26 -16.04
CA VAL B 51 -15.76 25.90 -15.66
C VAL B 51 -16.89 25.35 -16.53
N VAL B 52 -16.76 24.07 -16.91
CA VAL B 52 -17.90 23.29 -17.41
C VAL B 52 -18.46 22.52 -16.24
N ILE B 53 -19.71 22.82 -15.90
CA ILE B 53 -20.46 22.12 -14.86
C ILE B 53 -21.18 20.94 -15.50
N HIS B 54 -20.61 19.72 -15.36
CA HIS B 54 -21.28 18.52 -15.89
C HIS B 54 -22.32 18.06 -14.88
N TYR B 55 -23.45 17.52 -15.38
CA TYR B 55 -24.48 17.02 -14.49
C TYR B 55 -25.22 15.88 -15.19
N HIS B 56 -26.02 15.16 -14.43
CA HIS B 56 -26.79 14.08 -15.03
C HIS B 56 -28.28 14.38 -14.89
N ASN B 57 -28.79 14.38 -13.66
CA ASN B 57 -30.20 14.65 -13.36
C ASN B 57 -30.42 16.05 -12.80
N SER B 58 -29.42 16.65 -12.16
CA SER B 58 -29.71 17.86 -11.42
C SER B 58 -29.56 19.12 -12.30
N ALA B 59 -30.44 19.27 -13.32
CA ALA B 59 -30.35 20.37 -14.26
C ALA B 59 -30.54 21.73 -13.57
N GLU B 60 -31.52 21.80 -12.66
CA GLU B 60 -31.84 23.09 -12.05
C GLU B 60 -30.68 23.56 -11.18
N ALA B 61 -30.07 22.61 -10.44
CA ALA B 61 -28.96 22.97 -9.57
C ALA B 61 -27.77 23.35 -10.45
N ALA B 62 -27.61 22.67 -11.58
CA ALA B 62 -26.45 22.96 -12.42
C ALA B 62 -26.54 24.37 -13.04
N VAL B 63 -27.74 24.69 -13.51
CA VAL B 63 -27.96 25.98 -14.17
C VAL B 63 -27.83 27.10 -13.15
N SER B 64 -28.43 26.90 -11.99
CA SER B 64 -28.40 27.85 -10.90
C SER B 64 -26.95 28.14 -10.48
N LEU B 65 -26.10 27.11 -10.49
CA LEU B 65 -24.68 27.35 -10.20
C LEU B 65 -24.05 28.18 -11.32
N ALA B 66 -24.33 27.81 -12.57
CA ALA B 66 -23.72 28.51 -13.71
C ALA B 66 -24.11 30.00 -13.71
N ASP B 67 -25.36 30.28 -13.33
CA ASP B 67 -25.90 31.64 -13.33
C ASP B 67 -25.18 32.47 -12.26
N GLU B 68 -24.98 31.89 -11.06
CA GLU B 68 -24.26 32.51 -9.96
C GLU B 68 -22.82 32.84 -10.39
N LEU B 69 -22.13 31.86 -10.97
CA LEU B 69 -20.76 32.08 -11.40
C LEU B 69 -20.67 33.12 -12.52
N ASN B 70 -21.63 33.07 -13.45
CA ASN B 70 -21.60 34.01 -14.57
C ASN B 70 -21.94 35.43 -14.10
N LYS B 71 -22.69 35.55 -13.01
CA LYS B 71 -23.01 36.82 -12.38
C LYS B 71 -21.70 37.38 -11.81
N GLU B 72 -20.88 36.50 -11.20
CA GLU B 72 -19.61 36.92 -10.65
C GLU B 72 -18.68 37.38 -11.77
N ARG B 73 -18.65 36.64 -12.89
CA ARG B 73 -17.81 36.93 -14.03
C ARG B 73 -18.48 36.43 -15.30
N SER B 74 -18.81 37.33 -16.23
CA SER B 74 -19.60 36.94 -17.40
C SER B 74 -18.84 35.95 -18.28
N ASN B 75 -19.60 35.00 -18.83
CA ASN B 75 -19.10 34.01 -19.79
C ASN B 75 -17.98 33.15 -19.20
N THR B 76 -18.13 32.74 -17.93
CA THR B 76 -17.09 31.90 -17.35
C THR B 76 -17.57 30.49 -16.97
N ALA B 77 -18.86 30.20 -17.15
CA ALA B 77 -19.42 28.92 -16.72
C ALA B 77 -20.47 28.47 -17.73
N VAL B 78 -20.40 27.19 -18.13
CA VAL B 78 -21.42 26.53 -18.93
C VAL B 78 -21.81 25.23 -18.25
N VAL B 79 -23.00 24.70 -18.57
CA VAL B 79 -23.41 23.38 -18.11
C VAL B 79 -23.33 22.38 -19.25
N CYS B 80 -23.28 21.08 -18.89
CA CYS B 80 -23.16 20.00 -19.87
C CYS B 80 -23.77 18.74 -19.26
N GLN B 81 -24.86 18.25 -19.85
CA GLN B 81 -25.62 17.10 -19.37
C GLN B 81 -25.06 15.81 -19.97
N ALA B 82 -24.84 14.77 -19.15
CA ALA B 82 -24.48 13.46 -19.67
C ALA B 82 -24.64 12.40 -18.60
N ASP B 83 -25.20 11.27 -19.02
CA ASP B 83 -25.20 10.04 -18.25
C ASP B 83 -23.82 9.39 -18.37
N LEU B 84 -23.20 9.07 -17.22
CA LEU B 84 -21.88 8.44 -17.20
C LEU B 84 -21.96 6.94 -16.97
N THR B 85 -23.16 6.36 -17.07
CA THR B 85 -23.31 4.90 -17.03
C THR B 85 -22.58 4.27 -18.23
N ASN B 86 -21.98 3.09 -18.02
CA ASN B 86 -21.24 2.39 -19.06
C ASN B 86 -22.24 1.88 -20.10
N SER B 87 -21.89 2.02 -21.38
CA SER B 87 -22.72 1.64 -22.53
C SER B 87 -21.89 1.84 -23.79
N ASN B 88 -22.45 1.45 -24.94
CA ASN B 88 -21.80 1.65 -26.23
C ASN B 88 -21.67 3.13 -26.57
N VAL B 89 -22.49 4.01 -25.96
CA VAL B 89 -22.39 5.44 -26.25
C VAL B 89 -21.56 6.24 -25.23
N LEU B 90 -21.11 5.58 -24.14
CA LEU B 90 -20.35 6.31 -23.12
C LEU B 90 -19.15 7.00 -23.73
N PRO B 91 -18.37 6.32 -24.61
CA PRO B 91 -17.22 6.97 -25.27
C PRO B 91 -17.59 8.28 -25.97
N ALA B 92 -18.70 8.25 -26.71
CA ALA B 92 -19.17 9.43 -27.42
C ALA B 92 -19.49 10.53 -26.42
N SER B 93 -20.24 10.18 -25.35
CA SER B 93 -20.61 11.14 -24.33
C SER B 93 -19.40 11.84 -23.73
N CYS B 94 -18.34 11.05 -23.46
CA CYS B 94 -17.19 11.59 -22.74
C CYS B 94 -16.39 12.51 -23.66
N GLU B 95 -16.24 12.12 -24.92
CA GLU B 95 -15.65 13.01 -25.92
C GLU B 95 -16.40 14.34 -26.01
N GLU B 96 -17.73 14.29 -25.89
CA GLU B 96 -18.57 15.48 -26.04
C GLU B 96 -18.42 16.40 -24.83
N ILE B 97 -18.26 15.81 -23.63
CA ILE B 97 -17.99 16.58 -22.43
C ILE B 97 -16.70 17.36 -22.61
N ILE B 98 -15.64 16.68 -23.07
CA ILE B 98 -14.37 17.36 -23.25
C ILE B 98 -14.53 18.44 -24.32
N ASN B 99 -15.23 18.09 -25.41
CA ASN B 99 -15.49 18.98 -26.54
C ASN B 99 -16.15 20.26 -26.08
N SER B 100 -17.16 20.14 -25.18
CA SER B 100 -17.92 21.30 -24.73
CA SER B 100 -17.91 21.30 -24.74
C SER B 100 -16.99 22.34 -24.11
N CYS B 101 -15.93 21.88 -23.43
CA CYS B 101 -15.00 22.81 -22.77
C CYS B 101 -14.22 23.60 -23.84
N PHE B 102 -13.76 22.89 -24.89
CA PHE B 102 -13.02 23.53 -25.98
C PHE B 102 -13.91 24.51 -26.76
N ARG B 103 -15.15 24.08 -27.08
CA ARG B 103 -16.12 24.93 -27.78
C ARG B 103 -16.41 26.18 -26.97
N ALA B 104 -16.63 26.02 -25.66
CA ALA B 104 -16.96 27.15 -24.80
C ALA B 104 -15.74 28.04 -24.58
N PHE B 105 -14.55 27.46 -24.32
CA PHE B 105 -13.50 28.29 -23.73
C PHE B 105 -12.24 28.25 -24.57
N GLY B 106 -12.20 27.36 -25.57
CA GLY B 106 -11.09 27.33 -26.51
C GLY B 106 -9.91 26.53 -25.95
N ARG B 107 -10.09 25.94 -24.77
CA ARG B 107 -9.04 25.18 -24.11
C ARG B 107 -9.63 24.31 -22.99
N CYS B 108 -8.84 23.34 -22.51
CA CYS B 108 -9.23 22.51 -21.37
C CYS B 108 -7.98 22.18 -20.57
N ASP B 109 -7.81 22.84 -19.43
CA ASP B 109 -6.58 22.75 -18.64
C ASP B 109 -6.70 21.69 -17.56
N VAL B 110 -7.93 21.47 -17.04
CA VAL B 110 -8.11 20.68 -15.83
C VAL B 110 -9.33 19.78 -16.05
N LEU B 111 -9.20 18.50 -15.66
CA LEU B 111 -10.34 17.60 -15.60
C LEU B 111 -10.45 17.10 -14.17
N VAL B 112 -11.62 17.26 -13.58
CA VAL B 112 -11.89 16.71 -12.25
C VAL B 112 -12.97 15.62 -12.40
N ASN B 113 -12.55 14.36 -12.18
CA ASN B 113 -13.47 13.23 -12.19
C ASN B 113 -14.09 13.05 -10.81
N ASN B 114 -15.28 13.64 -10.64
CA ASN B 114 -15.91 13.73 -9.34
C ASN B 114 -17.17 12.87 -9.31
N ALA B 115 -17.90 12.77 -10.42
CA ALA B 115 -19.19 12.12 -10.42
C ALA B 115 -19.02 10.68 -9.95
N SER B 116 -20.01 10.18 -9.20
CA SER B 116 -19.91 8.87 -8.61
C SER B 116 -21.30 8.34 -8.28
N ALA B 117 -21.60 7.06 -8.57
CA ALA B 117 -22.72 6.34 -7.98
C ALA B 117 -22.21 5.52 -6.79
N PHE B 118 -23.08 5.35 -5.79
CA PHE B 118 -22.72 4.74 -4.54
C PHE B 118 -24.00 4.14 -3.97
N TYR B 119 -24.05 2.80 -3.91
CA TYR B 119 -25.12 2.08 -3.26
C TYR B 119 -24.62 0.64 -3.08
N PRO B 120 -25.22 -0.15 -2.17
CA PRO B 120 -24.75 -1.51 -1.90
C PRO B 120 -25.12 -2.44 -3.05
N THR B 121 -24.29 -3.50 -3.23
CA THR B 121 -24.48 -4.54 -4.22
C THR B 121 -24.10 -5.88 -3.57
N PRO B 122 -24.94 -6.41 -2.65
CA PRO B 122 -24.60 -7.58 -1.84
C PRO B 122 -24.28 -8.77 -2.73
N LEU B 123 -23.36 -9.61 -2.27
CA LEU B 123 -23.00 -10.77 -3.05
C LEU B 123 -24.05 -11.87 -2.86
N VAL B 124 -24.74 -11.87 -1.70
CA VAL B 124 -25.70 -12.92 -1.40
C VAL B 124 -27.06 -12.30 -1.06
N LYS B 135 -32.81 -2.95 -9.50
CA LYS B 135 -31.94 -2.86 -10.71
C LYS B 135 -31.34 -4.24 -10.97
N THR B 136 -31.13 -4.58 -12.24
CA THR B 136 -30.42 -5.81 -12.54
C THR B 136 -28.94 -5.67 -12.14
N VAL B 137 -28.27 -6.81 -11.98
CA VAL B 137 -26.85 -6.79 -11.69
C VAL B 137 -26.08 -6.09 -12.81
N GLU B 138 -26.48 -6.27 -14.08
CA GLU B 138 -25.67 -5.63 -15.14
CA GLU B 138 -25.72 -5.62 -15.19
C GLU B 138 -25.84 -4.07 -15.16
N THR B 139 -27.00 -3.62 -14.71
CA THR B 139 -27.24 -2.20 -14.52
C THR B 139 -26.36 -1.66 -13.37
N GLN B 140 -26.25 -2.42 -12.28
CA GLN B 140 -25.36 -2.07 -11.17
C GLN B 140 -23.91 -1.96 -11.64
N VAL B 141 -23.48 -2.95 -12.42
CA VAL B 141 -22.14 -2.93 -13.00
C VAL B 141 -21.98 -1.67 -13.84
N ALA B 142 -22.90 -1.46 -14.79
CA ALA B 142 -22.80 -0.32 -15.67
C ALA B 142 -22.75 0.98 -14.87
N GLU B 143 -23.57 1.11 -13.82
CA GLU B 143 -23.61 2.36 -13.08
C GLU B 143 -22.38 2.52 -12.17
N LEU B 144 -22.06 1.49 -11.39
CA LEU B 144 -21.01 1.63 -10.39
C LEU B 144 -19.61 1.60 -11.03
N ILE B 145 -19.43 0.76 -12.06
CA ILE B 145 -18.14 0.69 -12.74
C ILE B 145 -18.05 1.79 -13.79
N GLY B 146 -19.17 2.09 -14.47
CA GLY B 146 -19.21 3.14 -15.47
C GLY B 146 -18.82 4.51 -14.92
N THR B 147 -19.55 5.00 -13.89
CA THR B 147 -19.36 6.33 -13.35
C THR B 147 -18.02 6.44 -12.62
N ASN B 148 -17.65 5.37 -11.90
CA ASN B 148 -16.52 5.45 -10.99
C ASN B 148 -15.21 5.19 -11.72
N ALA B 149 -15.25 4.46 -12.84
CA ALA B 149 -13.99 4.03 -13.42
C ALA B 149 -13.94 4.24 -14.94
N ILE B 150 -14.90 3.69 -15.68
CA ILE B 150 -14.89 3.74 -17.14
CA ILE B 150 -14.82 3.74 -17.13
C ILE B 150 -14.98 5.18 -17.64
N ALA B 151 -15.97 5.92 -17.13
CA ALA B 151 -16.14 7.30 -17.58
C ALA B 151 -14.88 8.15 -17.29
N PRO B 152 -14.29 8.07 -16.06
CA PRO B 152 -12.97 8.65 -15.86
C PRO B 152 -11.90 8.30 -16.91
N PHE B 153 -11.82 7.04 -17.31
CA PHE B 153 -10.82 6.58 -18.26
C PHE B 153 -11.07 7.23 -19.63
N LEU B 154 -12.32 7.21 -20.07
CA LEU B 154 -12.74 7.77 -21.36
C LEU B 154 -12.54 9.29 -21.40
N LEU B 155 -12.93 9.95 -20.31
CA LEU B 155 -12.68 11.40 -20.19
C LEU B 155 -11.17 11.71 -20.24
N THR B 156 -10.34 10.89 -19.59
CA THR B 156 -8.90 11.06 -19.54
C THR B 156 -8.33 10.89 -20.96
N MET B 157 -8.80 9.90 -21.70
CA MET B 157 -8.37 9.69 -23.08
C MET B 157 -8.74 10.92 -23.92
N SER B 158 -9.98 11.38 -23.80
CA SER B 158 -10.46 12.49 -24.62
C SER B 158 -9.69 13.76 -24.23
N PHE B 159 -9.47 13.97 -22.93
CA PHE B 159 -8.73 15.14 -22.46
C PHE B 159 -7.33 15.17 -23.10
N ALA B 160 -6.61 14.06 -23.05
CA ALA B 160 -5.22 14.04 -23.48
C ALA B 160 -5.15 14.11 -25.01
N GLN B 161 -6.09 13.46 -25.68
CA GLN B 161 -6.08 13.46 -27.15
C GLN B 161 -6.29 14.87 -27.69
N ARG B 162 -7.06 15.72 -26.99
CA ARG B 162 -7.33 17.06 -27.48
C ARG B 162 -6.19 18.05 -27.16
N GLN B 163 -5.15 17.62 -26.43
CA GLN B 163 -4.09 18.55 -26.08
C GLN B 163 -3.01 18.56 -27.18
N SER B 173 1.56 26.31 -19.51
CA SER B 173 0.71 25.09 -19.47
C SER B 173 0.83 24.44 -18.10
N ASN B 174 -0.31 24.29 -17.43
CA ASN B 174 -0.37 23.53 -16.20
C ASN B 174 -1.54 22.57 -16.35
N LEU B 175 -1.35 21.49 -17.10
CA LEU B 175 -2.46 20.59 -17.39
C LEU B 175 -2.51 19.51 -16.30
N SER B 176 -3.69 19.31 -15.70
CA SER B 176 -3.75 18.19 -14.78
C SER B 176 -5.14 17.59 -14.67
N ILE B 177 -5.18 16.35 -14.18
CA ILE B 177 -6.41 15.62 -13.90
C ILE B 177 -6.44 15.30 -12.40
N VAL B 178 -7.63 15.40 -11.79
CA VAL B 178 -7.73 14.98 -10.40
C VAL B 178 -8.92 14.04 -10.32
N ASN B 179 -8.68 12.83 -9.76
CA ASN B 179 -9.73 11.83 -9.60
C ASN B 179 -10.17 11.83 -8.14
N LEU B 180 -11.48 11.84 -7.89
CA LEU B 180 -11.99 11.69 -6.53
C LEU B 180 -12.06 10.20 -6.16
N CYS B 181 -11.15 9.77 -5.27
CA CYS B 181 -10.97 8.38 -4.90
C CYS B 181 -11.69 8.18 -3.57
N ASP B 182 -11.24 7.26 -2.71
CA ASP B 182 -11.96 6.93 -1.48
C ASP B 182 -10.94 6.44 -0.45
N ALA B 183 -10.79 7.18 0.68
CA ALA B 183 -9.75 6.83 1.63
C ALA B 183 -9.98 5.44 2.25
N MET B 184 -11.21 4.91 2.14
CA MET B 184 -11.57 3.71 2.87
C MET B 184 -11.61 2.48 1.97
N VAL B 185 -10.87 2.51 0.83
CA VAL B 185 -11.02 1.44 -0.14
C VAL B 185 -10.43 0.11 0.37
N ASP B 186 -9.52 0.15 1.34
CA ASP B 186 -8.96 -1.08 1.86
C ASP B 186 -9.65 -1.49 3.15
N GLN B 187 -10.64 -0.71 3.57
CA GLN B 187 -11.45 -1.12 4.70
C GLN B 187 -12.90 -0.85 4.33
N PRO B 188 -13.43 -1.58 3.33
CA PRO B 188 -14.66 -1.18 2.65
C PRO B 188 -15.91 -1.38 3.52
N CSX B 189 -17.00 -0.68 3.18
CA CSX B 189 -18.31 -0.98 3.74
CB CSX B 189 -19.33 0.11 3.32
SG CSX B 189 -18.89 1.71 4.05
C CSX B 189 -18.75 -2.37 3.29
O CSX B 189 -18.54 -2.80 2.17
OD CSX B 189 -19.78 1.84 5.27
N MET B 190 -19.39 -3.09 4.21
CA MET B 190 -19.98 -4.38 3.96
C MET B 190 -20.94 -4.27 2.75
N ALA B 191 -20.88 -5.21 1.79
CA ALA B 191 -21.83 -5.30 0.67
C ALA B 191 -21.72 -4.15 -0.32
N PHE B 192 -20.53 -3.52 -0.44
CA PHE B 192 -20.26 -2.51 -1.45
C PHE B 192 -19.21 -2.96 -2.46
N SER B 193 -19.23 -4.25 -2.87
CA SER B 193 -18.11 -4.76 -3.65
CA SER B 193 -18.17 -4.82 -3.70
C SER B 193 -17.95 -4.00 -4.97
N LEU B 194 -19.05 -3.76 -5.70
CA LEU B 194 -18.91 -3.15 -7.02
C LEU B 194 -18.42 -1.72 -6.86
N TYR B 195 -18.96 -1.00 -5.88
CA TYR B 195 -18.50 0.36 -5.62
C TYR B 195 -16.98 0.32 -5.35
N ASN B 196 -16.57 -0.61 -4.48
CA ASN B 196 -15.18 -0.72 -4.06
CA ASN B 196 -15.18 -0.65 -4.08
C ASN B 196 -14.30 -1.05 -5.27
N MET B 197 -14.80 -1.97 -6.10
CA MET B 197 -14.05 -2.36 -7.29
C MET B 197 -13.80 -1.14 -8.19
N GLY B 198 -14.87 -0.36 -8.41
CA GLY B 198 -14.77 0.87 -9.21
C GLY B 198 -13.73 1.87 -8.67
N LYS B 199 -13.75 2.09 -7.37
CA LYS B 199 -12.81 3.02 -6.75
C LYS B 199 -11.38 2.48 -6.78
N HIS B 200 -11.19 1.15 -6.66
CA HIS B 200 -9.85 0.62 -6.81
C HIS B 200 -9.38 0.80 -8.25
N ALA B 201 -10.31 0.56 -9.21
CA ALA B 201 -9.99 0.79 -10.62
C ALA B 201 -9.52 2.22 -10.85
N LEU B 202 -10.18 3.15 -10.20
CA LEU B 202 -9.81 4.56 -10.33
C LEU B 202 -8.41 4.85 -9.80
N VAL B 203 -7.99 4.17 -8.71
CA VAL B 203 -6.59 4.28 -8.26
C VAL B 203 -5.67 3.81 -9.39
N GLY B 204 -6.00 2.65 -9.96
CA GLY B 204 -5.17 2.15 -11.06
C GLY B 204 -5.08 3.14 -12.21
N LEU B 205 -6.22 3.71 -12.60
CA LEU B 205 -6.23 4.73 -13.64
C LEU B 205 -5.29 5.89 -13.29
N THR B 206 -5.42 6.38 -12.03
CA THR B 206 -4.62 7.53 -11.60
C THR B 206 -3.13 7.25 -11.81
N GLN B 207 -2.69 6.08 -11.34
CA GLN B 207 -1.30 5.68 -11.49
C GLN B 207 -0.94 5.47 -12.95
N SER B 208 -1.75 4.67 -13.67
CA SER B 208 -1.42 4.35 -15.06
C SER B 208 -1.38 5.60 -15.93
N ALA B 209 -2.39 6.46 -15.78
CA ALA B 209 -2.43 7.68 -16.61
C ALA B 209 -1.33 8.66 -16.20
N ALA B 210 -1.02 8.74 -14.90
CA ALA B 210 0.10 9.62 -14.50
C ALA B 210 1.36 9.23 -15.28
N LEU B 211 1.63 7.94 -15.33
CA LEU B 211 2.86 7.46 -15.92
C LEU B 211 2.86 7.75 -17.42
N GLU B 212 1.72 7.50 -18.05
CA GLU B 212 1.64 7.56 -19.50
C GLU B 212 1.52 9.00 -20.02
N LEU B 213 0.87 9.89 -19.26
CA LEU B 213 0.69 11.27 -19.72
C LEU B 213 1.83 12.18 -19.23
N ALA B 214 2.68 11.68 -18.33
CA ALA B 214 3.75 12.51 -17.78
C ALA B 214 4.62 13.07 -18.91
N PRO B 215 4.90 12.32 -20.01
CA PRO B 215 5.69 12.86 -21.14
C PRO B 215 5.02 14.03 -21.86
N TYR B 216 3.69 14.17 -21.75
CA TYR B 216 2.95 15.26 -22.37
C TYR B 216 2.76 16.40 -21.38
N GLY B 217 3.30 16.26 -20.17
CA GLY B 217 3.22 17.32 -19.19
C GLY B 217 1.87 17.37 -18.48
N ILE B 218 1.09 16.28 -18.57
CA ILE B 218 -0.20 16.23 -17.88
C ILE B 218 0.01 15.44 -16.59
N ARG B 219 -0.29 16.09 -15.45
CA ARG B 219 -0.20 15.43 -14.15
C ARG B 219 -1.55 14.80 -13.81
N VAL B 220 -1.50 13.67 -13.09
CA VAL B 220 -2.72 12.97 -12.75
C VAL B 220 -2.64 12.57 -11.30
N ASN B 221 -3.62 13.01 -10.49
CA ASN B 221 -3.53 12.80 -9.06
C ASN B 221 -4.92 12.48 -8.54
N GLY B 222 -5.02 12.18 -7.26
CA GLY B 222 -6.30 11.88 -6.66
C GLY B 222 -6.48 12.59 -5.33
N VAL B 223 -7.76 12.71 -4.93
CA VAL B 223 -8.15 13.17 -3.61
C VAL B 223 -9.09 12.11 -3.07
N ALA B 224 -8.76 11.59 -1.88
CA ALA B 224 -9.48 10.49 -1.29
C ALA B 224 -10.15 10.96 -0.01
N PRO B 225 -11.43 11.35 -0.06
CA PRO B 225 -12.18 11.70 1.15
C PRO B 225 -12.39 10.47 2.01
N GLY B 226 -12.59 10.71 3.30
CA GLY B 226 -13.06 9.66 4.19
C GLY B 226 -14.58 9.76 4.33
N VAL B 227 -15.04 10.39 5.40
CA VAL B 227 -16.45 10.71 5.41
C VAL B 227 -16.57 12.21 5.18
N SER B 228 -17.33 12.56 4.15
CA SER B 228 -17.61 13.97 3.87
C SER B 228 -19.11 14.18 3.97
N LEU B 229 -19.70 15.03 3.13
CA LEU B 229 -21.12 15.34 3.20
C LEU B 229 -21.93 14.05 3.34
N LEU B 230 -22.71 13.95 4.42
CA LEU B 230 -23.50 12.76 4.66
C LEU B 230 -24.85 12.93 3.93
N PRO B 231 -25.61 11.84 3.62
CA PRO B 231 -26.90 11.98 2.93
C PRO B 231 -27.81 12.97 3.65
N VAL B 232 -28.63 13.71 2.87
CA VAL B 232 -29.51 14.71 3.46
C VAL B 232 -30.51 14.01 4.38
N ALA B 233 -30.94 12.80 3.96
CA ALA B 233 -32.04 12.04 4.56
C ALA B 233 -31.60 11.23 5.78
N MET B 234 -30.28 11.02 5.91
CA MET B 234 -29.72 10.27 7.03
C MET B 234 -30.10 10.97 8.34
N GLY B 235 -30.65 10.21 9.29
CA GLY B 235 -30.98 10.74 10.62
C GLY B 235 -29.72 11.24 11.33
N GLU B 236 -29.84 12.38 12.05
CA GLU B 236 -28.72 12.96 12.78
C GLU B 236 -28.05 11.92 13.67
N GLU B 237 -28.86 11.07 14.34
CA GLU B 237 -28.34 10.05 15.25
C GLU B 237 -27.44 9.06 14.52
N GLU B 238 -27.77 8.77 13.24
CA GLU B 238 -26.92 7.94 12.40
C GLU B 238 -25.68 8.72 11.95
N LYS B 239 -25.83 10.03 11.65
CA LYS B 239 -24.71 10.84 11.17
C LYS B 239 -23.62 10.90 12.23
N ASP B 240 -24.07 10.98 13.50
CA ASP B 240 -23.24 11.12 14.67
C ASP B 240 -22.45 9.85 14.98
N LYS B 241 -23.01 8.67 14.67
CA LYS B 241 -22.25 7.43 14.80
C LYS B 241 -21.02 7.53 13.92
N TRP B 242 -21.18 8.06 12.69
CA TRP B 242 -20.05 8.18 11.77
C TRP B 242 -19.11 9.30 12.23
N ARG B 243 -19.67 10.45 12.61
CA ARG B 243 -18.87 11.59 13.02
C ARG B 243 -17.94 11.22 14.18
N ARG B 244 -18.46 10.44 15.13
CA ARG B 244 -17.77 10.01 16.34
C ARG B 244 -16.52 9.19 16.01
N LYS B 245 -16.47 8.61 14.81
CA LYS B 245 -15.39 7.69 14.50
C LYS B 245 -14.15 8.45 14.00
N VAL B 246 -14.30 9.72 13.64
CA VAL B 246 -13.24 10.50 12.98
C VAL B 246 -12.31 11.08 14.06
N PRO B 247 -11.01 10.70 14.10
CA PRO B 247 -10.08 11.24 15.12
C PRO B 247 -10.01 12.76 15.13
N LEU B 248 -9.84 13.37 13.95
CA LEU B 248 -9.62 14.81 13.90
C LEU B 248 -10.95 15.57 13.94
N GLY B 249 -11.43 15.85 15.17
CA GLY B 249 -12.53 16.77 15.39
C GLY B 249 -13.91 16.11 15.45
N ARG B 250 -13.97 14.78 15.30
CA ARG B 250 -15.21 14.00 15.39
C ARG B 250 -16.29 14.63 14.52
N ARG B 251 -15.92 15.01 13.29
CA ARG B 251 -16.86 15.50 12.28
C ARG B 251 -16.39 15.07 10.89
N GLU B 252 -17.33 15.04 9.94
CA GLU B 252 -17.11 14.77 8.53
C GLU B 252 -16.40 15.97 7.88
N ALA B 253 -15.72 15.74 6.74
CA ALA B 253 -15.13 16.83 5.98
C ALA B 253 -16.24 17.68 5.34
N SER B 254 -16.02 18.98 5.30
CA SER B 254 -16.85 19.82 4.46
C SER B 254 -16.46 19.58 3.01
N ALA B 255 -17.38 19.91 2.09
CA ALA B 255 -17.11 19.80 0.67
C ALA B 255 -15.95 20.73 0.30
N GLU B 256 -15.89 21.86 1.00
CA GLU B 256 -14.83 22.83 0.76
C GLU B 256 -13.47 22.27 1.16
N GLN B 257 -13.42 21.48 2.24
CA GLN B 257 -12.14 20.87 2.65
C GLN B 257 -11.60 19.97 1.54
N ILE B 258 -12.51 19.22 0.92
CA ILE B 258 -12.12 18.32 -0.17
C ILE B 258 -11.65 19.20 -1.32
N ALA B 259 -12.43 20.25 -1.62
CA ALA B 259 -12.11 21.11 -2.76
C ALA B 259 -10.73 21.76 -2.57
N ASP B 260 -10.39 22.09 -1.31
CA ASP B 260 -9.06 22.64 -1.02
C ASP B 260 -7.91 21.76 -1.54
N ALA B 261 -8.05 20.44 -1.37
CA ALA B 261 -6.98 19.54 -1.80
C ALA B 261 -6.90 19.52 -3.33
N VAL B 262 -8.09 19.55 -3.97
CA VAL B 262 -8.19 19.62 -5.42
C VAL B 262 -7.46 20.86 -5.93
N ILE B 263 -7.76 22.03 -5.34
CA ILE B 263 -7.12 23.30 -5.68
C ILE B 263 -5.59 23.21 -5.59
N PHE B 264 -5.08 22.67 -4.46
CA PHE B 264 -3.65 22.41 -4.36
C PHE B 264 -3.10 21.62 -5.55
N LEU B 265 -3.74 20.48 -5.90
CA LEU B 265 -3.13 19.59 -6.91
C LEU B 265 -3.12 20.21 -8.31
N VAL B 266 -4.10 21.07 -8.59
CA VAL B 266 -4.11 21.71 -9.90
C VAL B 266 -3.17 22.92 -9.93
N SER B 267 -2.68 23.38 -8.77
CA SER B 267 -1.94 24.64 -8.68
C SER B 267 -0.49 24.47 -9.09
N GLY B 268 0.20 25.60 -9.31
CA GLY B 268 1.64 25.64 -9.54
C GLY B 268 2.46 25.12 -8.35
N SER B 269 1.84 24.96 -7.17
CA SER B 269 2.49 24.44 -5.98
C SER B 269 2.60 22.92 -6.00
N ALA B 270 2.03 22.24 -7.03
CA ALA B 270 2.03 20.79 -7.15
C ALA B 270 2.62 20.39 -8.49
N GLN B 271 3.48 21.25 -9.04
CA GLN B 271 3.96 21.03 -10.38
C GLN B 271 4.81 19.76 -10.54
N TYR B 272 5.35 19.22 -9.45
CA TYR B 272 6.13 17.99 -9.55
C TYR B 272 5.33 16.76 -9.10
N ILE B 273 4.09 16.98 -8.66
CA ILE B 273 3.31 15.91 -8.06
C ILE B 273 2.49 15.22 -9.16
N THR B 274 2.73 13.91 -9.37
CA THR B 274 1.84 13.15 -10.24
C THR B 274 1.78 11.72 -9.72
N GLY B 275 0.63 11.06 -9.93
CA GLY B 275 0.45 9.71 -9.44
C GLY B 275 0.26 9.68 -7.91
N SER B 276 -0.04 10.83 -7.29
CA SER B 276 -0.19 10.88 -5.83
C SER B 276 -1.69 10.93 -5.51
N ILE B 277 -2.05 10.34 -4.35
CA ILE B 277 -3.45 10.40 -3.89
C ILE B 277 -3.45 10.92 -2.47
N ILE B 278 -4.00 12.12 -2.29
CA ILE B 278 -4.02 12.75 -0.99
C ILE B 278 -5.31 12.34 -0.27
N LYS B 279 -5.16 11.69 0.89
CA LYS B 279 -6.32 11.44 1.74
C LYS B 279 -6.68 12.71 2.46
N VAL B 280 -8.00 12.93 2.54
CA VAL B 280 -8.54 14.06 3.26
C VAL B 280 -9.62 13.45 4.14
N ASP B 281 -9.20 12.81 5.22
CA ASP B 281 -10.10 11.92 5.92
C ASP B 281 -10.05 12.12 7.44
N GLY B 282 -9.32 13.13 7.93
CA GLY B 282 -9.30 13.39 9.37
C GLY B 282 -8.81 12.19 10.21
N GLY B 283 -7.99 11.34 9.58
CA GLY B 283 -7.44 10.15 10.23
C GLY B 283 -8.35 8.92 10.27
N LEU B 284 -9.52 8.96 9.60
CA LEU B 284 -10.51 7.89 9.68
C LEU B 284 -9.92 6.53 9.27
N SER B 285 -9.13 6.53 8.18
CA SER B 285 -8.63 5.28 7.67
C SER B 285 -7.59 4.65 8.62
N LEU B 286 -7.13 5.39 9.64
CA LEU B 286 -6.12 4.88 10.56
C LEU B 286 -6.75 4.12 11.72
N VAL B 287 -8.09 4.18 11.85
CA VAL B 287 -8.81 3.65 13.02
C VAL B 287 -9.13 2.18 12.77
N HIS B 288 -8.70 1.31 13.71
CA HIS B 288 -8.96 -0.12 13.66
C HIS B 288 -10.41 -0.38 14.07
N ALA B 289 -10.88 -1.60 13.81
CA ALA B 289 -12.24 -2.06 14.08
C ALA B 289 -12.58 -1.87 15.57
N GLU C 23 23.04 -33.35 6.96
CA GLU C 23 21.93 -34.32 7.30
C GLU C 23 20.59 -33.73 6.87
N ALA C 24 19.75 -33.36 7.85
CA ALA C 24 18.52 -32.63 7.64
C ALA C 24 18.76 -31.13 7.83
N PRO C 25 17.85 -30.22 7.35
CA PRO C 25 18.12 -28.78 7.40
C PRO C 25 17.93 -28.30 8.84
N ALA C 26 18.40 -27.08 9.12
CA ALA C 26 18.40 -26.52 10.47
C ALA C 26 17.76 -25.13 10.48
N ALA C 27 16.98 -24.85 11.54
CA ALA C 27 16.27 -23.58 11.67
C ALA C 27 16.53 -22.96 13.05
N VAL C 28 16.68 -21.63 13.08
CA VAL C 28 16.69 -20.81 14.26
C VAL C 28 15.33 -20.13 14.40
N VAL C 29 14.71 -20.26 15.57
CA VAL C 29 13.49 -19.53 15.88
C VAL C 29 13.77 -18.68 17.13
N THR C 30 13.60 -17.36 17.04
CA THR C 30 13.83 -16.49 18.20
C THR C 30 12.56 -16.45 19.03
N GLY C 31 12.67 -16.21 20.35
CA GLY C 31 11.57 -16.28 21.31
C GLY C 31 10.75 -17.56 21.13
N ALA C 32 11.42 -18.72 21.03
CA ALA C 32 10.72 -19.94 20.65
C ALA C 32 10.21 -20.73 21.85
N ALA C 33 10.22 -20.13 23.05
CA ALA C 33 9.97 -20.89 24.26
C ALA C 33 8.48 -21.15 24.40
N LYS C 34 7.71 -20.13 24.01
CA LYS C 34 6.29 -20.04 24.31
C LYS C 34 5.51 -19.58 23.08
N ARG C 35 4.18 -19.73 23.18
CA ARG C 35 3.22 -19.08 22.31
C ARG C 35 3.60 -19.32 20.85
N ILE C 36 3.70 -18.25 20.06
CA ILE C 36 3.78 -18.40 18.61
C ILE C 36 5.12 -19.03 18.20
N GLY C 37 6.22 -18.57 18.83
CA GLY C 37 7.54 -19.14 18.51
C GLY C 37 7.65 -20.66 18.77
N ARG C 38 7.01 -21.14 19.84
CA ARG C 38 7.02 -22.56 20.17
C ARG C 38 6.29 -23.34 19.08
N ALA C 39 5.14 -22.79 18.62
CA ALA C 39 4.36 -23.45 17.60
C ALA C 39 5.18 -23.54 16.31
N ILE C 40 5.90 -22.46 15.99
CA ILE C 40 6.77 -22.43 14.82
C ILE C 40 7.86 -23.49 14.97
N ALA C 41 8.54 -23.49 16.12
CA ALA C 41 9.60 -24.48 16.37
C ALA C 41 9.09 -25.93 16.21
N VAL C 42 7.95 -26.24 16.83
CA VAL C 42 7.38 -27.59 16.80
C VAL C 42 7.12 -28.02 15.37
N LYS C 43 6.43 -27.12 14.64
CA LYS C 43 5.98 -27.43 13.30
C LYS C 43 7.20 -27.54 12.40
N LEU C 44 8.25 -26.73 12.66
CA LEU C 44 9.41 -26.87 11.79
C LEU C 44 10.03 -28.26 12.05
N HIS C 45 10.06 -28.63 13.33
CA HIS C 45 10.62 -29.89 13.78
C HIS C 45 9.85 -31.05 13.12
N GLN C 46 8.52 -31.04 13.28
CA GLN C 46 7.64 -32.02 12.67
C GLN C 46 7.88 -32.13 11.16
N THR C 47 8.42 -31.08 10.53
CA THR C 47 8.63 -31.07 9.09
C THR C 47 10.02 -31.60 8.79
N GLY C 48 10.81 -31.82 9.84
CA GLY C 48 12.09 -32.50 9.70
C GLY C 48 13.29 -31.55 9.82
N TYR C 49 13.04 -30.31 10.29
CA TYR C 49 14.15 -29.44 10.65
C TYR C 49 14.69 -29.86 12.01
N ARG C 50 16.01 -29.72 12.14
CA ARG C 50 16.65 -29.54 13.44
C ARG C 50 16.53 -28.06 13.85
N VAL C 51 16.33 -27.77 15.15
CA VAL C 51 15.94 -26.42 15.54
C VAL C 51 16.77 -25.90 16.72
N VAL C 52 17.09 -24.60 16.65
CA VAL C 52 17.60 -23.87 17.79
C VAL C 52 16.42 -23.10 18.38
N ILE C 53 16.19 -23.36 19.66
CA ILE C 53 15.17 -22.69 20.44
C ILE C 53 15.83 -21.53 21.19
N HIS C 54 15.66 -20.30 20.68
CA HIS C 54 16.18 -19.15 21.38
C HIS C 54 15.21 -18.72 22.45
N TYR C 55 15.77 -18.22 23.57
CA TYR C 55 15.00 -17.74 24.71
C TYR C 55 15.78 -16.61 25.37
N HIS C 56 15.05 -15.77 26.10
CA HIS C 56 15.70 -14.75 26.90
C HIS C 56 15.53 -15.13 28.37
N ASN C 57 14.28 -15.25 28.84
CA ASN C 57 13.98 -15.44 30.24
C ASN C 57 13.50 -16.87 30.49
N SER C 58 12.98 -17.51 29.45
CA SER C 58 12.17 -18.71 29.63
C SER C 58 13.00 -19.99 29.41
N ALA C 59 14.00 -20.18 30.29
CA ALA C 59 14.93 -21.31 30.15
C ALA C 59 14.21 -22.62 30.38
N GLU C 60 13.35 -22.61 31.41
CA GLU C 60 12.65 -23.80 31.82
C GLU C 60 11.78 -24.28 30.65
N ALA C 61 11.01 -23.33 30.07
CA ALA C 61 10.15 -23.56 28.92
C ALA C 61 10.96 -24.02 27.71
N ALA C 62 12.11 -23.36 27.46
CA ALA C 62 12.92 -23.72 26.30
C ALA C 62 13.43 -25.16 26.39
N VAL C 63 14.03 -25.48 27.53
CA VAL C 63 14.59 -26.81 27.76
C VAL C 63 13.49 -27.86 27.68
N SER C 64 12.33 -27.55 28.29
CA SER C 64 11.19 -28.45 28.26
C SER C 64 10.76 -28.77 26.82
N LEU C 65 10.73 -27.72 25.97
CA LEU C 65 10.40 -27.91 24.57
C LEU C 65 11.50 -28.75 23.91
N ALA C 66 12.75 -28.38 24.17
CA ALA C 66 13.88 -29.14 23.63
C ALA C 66 13.77 -30.63 23.96
N ASP C 67 13.43 -30.93 25.23
CA ASP C 67 13.25 -32.28 25.76
C ASP C 67 12.22 -33.01 24.90
N GLU C 68 11.03 -32.38 24.72
CA GLU C 68 9.94 -32.98 23.98
C GLU C 68 10.35 -33.30 22.55
N LEU C 69 11.14 -32.43 21.91
CA LEU C 69 11.56 -32.64 20.52
C LEU C 69 12.67 -33.69 20.37
N ASN C 70 13.65 -33.69 21.30
CA ASN C 70 14.74 -34.66 21.25
C ASN C 70 14.23 -36.07 21.56
N LYS C 71 13.26 -36.18 22.48
CA LYS C 71 12.61 -37.46 22.76
C LYS C 71 11.93 -37.97 21.48
N GLU C 72 11.45 -37.06 20.63
CA GLU C 72 10.85 -37.46 19.37
C GLU C 72 11.93 -37.89 18.36
N ARG C 73 13.02 -37.11 18.26
CA ARG C 73 14.10 -37.37 17.32
C ARG C 73 15.42 -36.96 17.97
N SER C 74 16.37 -37.88 18.03
CA SER C 74 17.51 -37.71 18.93
C SER C 74 18.44 -36.60 18.46
N ASN C 75 18.73 -35.65 19.37
CA ASN C 75 19.74 -34.63 19.16
C ASN C 75 19.33 -33.74 17.97
N THR C 76 18.06 -33.31 17.95
CA THR C 76 17.61 -32.50 16.82
C THR C 76 17.23 -31.09 17.28
N ALA C 77 17.37 -30.80 18.58
CA ALA C 77 16.94 -29.53 19.16
C ALA C 77 17.91 -29.10 20.26
N VAL C 78 18.32 -27.83 20.22
CA VAL C 78 19.19 -27.20 21.19
C VAL C 78 18.57 -25.87 21.61
N VAL C 79 18.97 -25.39 22.78
CA VAL C 79 18.51 -24.09 23.26
C VAL C 79 19.65 -23.09 23.12
N CYS C 80 19.30 -21.80 23.12
CA CYS C 80 20.25 -20.70 23.02
C CYS C 80 19.70 -19.48 23.74
N GLN C 81 20.42 -19.03 24.77
CA GLN C 81 20.05 -17.88 25.57
C GLN C 81 20.61 -16.63 24.91
N ALA C 82 19.76 -15.62 24.74
CA ALA C 82 20.28 -14.30 24.43
C ALA C 82 19.24 -13.23 24.76
N ASP C 83 19.70 -12.09 25.29
CA ASP C 83 18.83 -10.93 25.41
C ASP C 83 18.89 -10.16 24.10
N LEU C 84 17.72 -9.87 23.50
CA LEU C 84 17.68 -9.18 22.20
C LEU C 84 17.35 -7.69 22.32
N THR C 85 17.35 -7.13 23.53
CA THR C 85 17.39 -5.68 23.72
C THR C 85 18.52 -5.07 22.85
N ASN C 86 18.29 -3.87 22.26
CA ASN C 86 19.37 -3.14 21.59
C ASN C 86 20.44 -2.73 22.61
N SER C 87 21.72 -2.97 22.30
CA SER C 87 22.84 -2.59 23.14
C SER C 87 24.14 -2.76 22.39
N ASN C 88 25.26 -2.34 23.01
CA ASN C 88 26.56 -2.43 22.34
C ASN C 88 26.88 -3.90 22.08
N VAL C 89 26.24 -4.81 22.84
CA VAL C 89 26.46 -6.25 22.72
C VAL C 89 25.42 -6.99 21.86
N LEU C 90 24.39 -6.28 21.37
CA LEU C 90 23.37 -6.97 20.58
C LEU C 90 24.04 -7.68 19.41
N PRO C 91 24.94 -7.01 18.65
CA PRO C 91 25.59 -7.67 17.52
C PRO C 91 26.24 -9.00 17.87
N ALA C 92 26.97 -9.02 19.00
CA ALA C 92 27.60 -10.25 19.49
C ALA C 92 26.55 -11.28 19.84
N SER C 93 25.49 -10.88 20.54
CA SER C 93 24.44 -11.83 20.84
C SER C 93 23.85 -12.48 19.57
N CYS C 94 23.66 -11.68 18.51
CA CYS C 94 23.00 -12.14 17.29
C CYS C 94 23.90 -13.09 16.51
N GLU C 95 25.18 -12.69 16.37
CA GLU C 95 26.21 -13.60 15.89
C GLU C 95 26.18 -14.93 16.64
N GLU C 96 26.03 -14.89 17.97
CA GLU C 96 26.09 -16.11 18.78
C GLU C 96 24.92 -17.02 18.46
N ILE C 97 23.74 -16.41 18.22
CA ILE C 97 22.54 -17.19 17.97
C ILE C 97 22.75 -17.95 16.66
N ILE C 98 23.26 -17.24 15.65
CA ILE C 98 23.43 -17.90 14.36
C ILE C 98 24.50 -18.99 14.49
N ASN C 99 25.58 -18.68 15.22
CA ASN C 99 26.72 -19.58 15.37
C ASN C 99 26.27 -20.89 16.02
N SER C 100 25.41 -20.75 17.03
CA SER C 100 25.02 -21.91 17.79
C SER C 100 24.28 -22.90 16.87
N CYS C 101 23.65 -22.38 15.80
CA CYS C 101 23.03 -23.24 14.79
C CYS C 101 24.09 -23.98 13.98
N PHE C 102 25.15 -23.27 13.54
CA PHE C 102 26.25 -23.87 12.80
C PHE C 102 27.00 -24.89 13.67
N ARG C 103 27.18 -24.59 14.96
CA ARG C 103 27.88 -25.50 15.85
C ARG C 103 27.11 -26.80 16.02
N ALA C 104 25.81 -26.66 16.29
CA ALA C 104 24.99 -27.79 16.67
C ALA C 104 24.76 -28.66 15.44
N PHE C 105 24.61 -28.05 14.25
CA PHE C 105 24.00 -28.79 13.16
C PHE C 105 24.82 -28.71 11.88
N GLY C 106 25.82 -27.83 11.88
CA GLY C 106 26.75 -27.73 10.77
C GLY C 106 26.22 -26.85 9.62
N ARG C 107 25.03 -26.28 9.81
CA ARG C 107 24.40 -25.49 8.76
C ARG C 107 23.26 -24.68 9.38
N CYS C 108 22.73 -23.72 8.59
CA CYS C 108 21.61 -22.88 9.02
C CYS C 108 20.83 -22.46 7.78
N ASP C 109 19.61 -23.02 7.66
CA ASP C 109 18.84 -22.95 6.43
C ASP C 109 17.77 -21.87 6.59
N VAL C 110 17.24 -21.76 7.81
CA VAL C 110 16.07 -20.97 8.08
C VAL C 110 16.33 -20.14 9.34
N LEU C 111 15.99 -18.85 9.24
CA LEU C 111 15.93 -17.95 10.39
C LEU C 111 14.49 -17.44 10.52
N VAL C 112 13.86 -17.67 11.69
CA VAL C 112 12.56 -17.12 11.95
C VAL C 112 12.72 -16.04 13.02
N ASN C 113 12.47 -14.77 12.65
CA ASN C 113 12.54 -13.66 13.59
C ASN C 113 11.17 -13.45 14.23
N ASN C 114 10.99 -14.06 15.39
CA ASN C 114 9.69 -14.19 16.03
C ASN C 114 9.69 -13.35 17.30
N ALA C 115 10.85 -13.24 17.99
CA ALA C 115 10.90 -12.59 19.29
C ALA C 115 10.42 -11.15 19.14
N SER C 116 9.69 -10.67 20.16
CA SER C 116 9.06 -9.37 20.07
C SER C 116 8.60 -8.88 21.44
N ALA C 117 8.87 -7.60 21.73
CA ALA C 117 8.34 -6.90 22.89
C ALA C 117 7.10 -6.12 22.45
N PHE C 118 6.14 -5.96 23.36
CA PHE C 118 4.90 -5.30 22.97
C PHE C 118 4.31 -4.60 24.19
N TYR C 119 4.24 -3.27 24.15
CA TYR C 119 3.53 -2.55 25.21
C TYR C 119 3.37 -1.10 24.79
N PRO C 120 2.44 -0.33 25.41
CA PRO C 120 2.23 1.07 25.03
C PRO C 120 3.34 2.05 25.39
N THR C 121 3.50 3.09 24.57
CA THR C 121 4.43 4.17 24.81
C THR C 121 3.77 5.50 24.44
N PRO C 122 2.91 6.05 25.32
CA PRO C 122 2.13 7.25 24.99
C PRO C 122 2.98 8.45 24.61
N LEU C 123 2.50 9.23 23.65
CA LEU C 123 3.25 10.42 23.24
C LEU C 123 3.03 11.55 24.25
N VAL C 124 1.82 11.60 24.83
CA VAL C 124 1.44 12.57 25.84
C VAL C 124 1.38 11.79 27.14
N GLN C 125 2.50 11.85 27.87
CA GLN C 125 2.82 10.99 29.00
C GLN C 125 3.04 11.86 30.25
N LYS C 135 10.18 2.19 33.03
CA LYS C 135 11.17 2.15 31.91
C LYS C 135 11.39 3.58 31.42
N THR C 136 12.67 3.97 31.31
CA THR C 136 13.05 5.16 30.56
C THR C 136 12.62 4.97 29.11
N VAL C 137 12.44 6.10 28.43
CA VAL C 137 12.14 6.10 27.02
C VAL C 137 13.21 5.30 26.27
N GLU C 138 14.48 5.36 26.73
CA GLU C 138 15.52 4.81 25.87
C GLU C 138 15.58 3.28 26.08
N THR C 139 15.05 2.81 27.21
CA THR C 139 14.85 1.39 27.41
C THR C 139 13.69 0.92 26.50
N GLN C 140 12.66 1.75 26.41
CA GLN C 140 11.52 1.44 25.54
C GLN C 140 11.97 1.33 24.08
N VAL C 141 12.81 2.29 23.67
CA VAL C 141 13.46 2.22 22.35
C VAL C 141 14.25 0.92 22.20
N ALA C 142 15.11 0.63 23.19
CA ALA C 142 15.99 -0.53 23.14
C ALA C 142 15.17 -1.82 23.02
N GLU C 143 14.04 -1.91 23.76
CA GLU C 143 13.23 -3.11 23.67
C GLU C 143 12.41 -3.12 22.39
N LEU C 144 11.65 -2.05 22.15
CA LEU C 144 10.64 -2.05 21.09
C LEU C 144 11.27 -1.90 19.71
N ILE C 145 12.36 -1.16 19.60
CA ILE C 145 13.00 -1.03 18.30
C ILE C 145 14.10 -2.08 18.24
N GLY C 146 14.78 -2.25 19.37
CA GLY C 146 15.87 -3.20 19.42
C GLY C 146 15.41 -4.62 19.09
N THR C 147 14.46 -5.15 19.89
CA THR C 147 14.14 -6.55 19.69
C THR C 147 13.28 -6.70 18.44
N ASN C 148 12.50 -5.65 18.13
CA ASN C 148 11.53 -5.77 17.05
C ASN C 148 12.16 -5.55 15.68
N ALA C 149 13.28 -4.85 15.62
CA ALA C 149 13.76 -4.42 14.32
C ALA C 149 15.28 -4.56 14.20
N ILE C 150 16.02 -4.09 15.21
CA ILE C 150 17.48 -4.12 15.12
C ILE C 150 17.99 -5.56 15.23
N ALA C 151 17.45 -6.32 16.17
CA ALA C 151 17.95 -7.70 16.31
C ALA C 151 17.67 -8.50 15.03
N PRO C 152 16.45 -8.42 14.44
CA PRO C 152 16.24 -9.01 13.11
C PRO C 152 17.27 -8.63 12.03
N PHE C 153 17.66 -7.36 12.02
CA PHE C 153 18.59 -6.85 11.02
C PHE C 153 19.98 -7.49 11.28
N LEU C 154 20.38 -7.58 12.54
CA LEU C 154 21.69 -8.14 12.88
C LEU C 154 21.74 -9.65 12.65
N LEU C 155 20.69 -10.34 13.11
CA LEU C 155 20.54 -11.76 12.85
C LEU C 155 20.57 -12.02 11.34
N THR C 156 19.95 -11.12 10.55
CA THR C 156 19.89 -11.30 9.11
C THR C 156 21.30 -11.22 8.54
N MET C 157 22.06 -10.24 9.01
CA MET C 157 23.44 -10.02 8.59
C MET C 157 24.26 -11.27 8.90
N SER C 158 24.21 -11.72 10.17
CA SER C 158 25.01 -12.87 10.57
C SER C 158 24.61 -14.09 9.74
N PHE C 159 23.30 -14.32 9.57
CA PHE C 159 22.80 -15.46 8.79
C PHE C 159 23.43 -15.44 7.39
N ALA C 160 23.42 -14.27 6.75
CA ALA C 160 23.81 -14.22 5.34
C ALA C 160 25.33 -14.28 5.21
N GLN C 161 26.02 -13.63 6.15
CA GLN C 161 27.48 -13.62 6.24
C GLN C 161 28.03 -15.06 6.29
N ARG C 162 27.31 -15.95 6.99
CA ARG C 162 27.78 -17.30 7.25
C ARG C 162 27.30 -18.25 6.15
N GLN C 163 26.71 -17.71 5.08
CA GLN C 163 26.42 -18.54 3.93
C GLN C 163 27.44 -18.23 2.82
N SER C 172 20.29 -26.50 -5.26
CA SER C 172 21.07 -26.77 -4.03
C SER C 172 20.17 -26.63 -2.79
N SER C 173 20.43 -25.60 -1.97
CA SER C 173 19.75 -25.41 -0.69
C SER C 173 18.50 -24.53 -0.86
N ASN C 174 17.71 -24.47 0.22
CA ASN C 174 16.55 -23.60 0.26
C ASN C 174 16.66 -22.70 1.50
N LEU C 175 17.46 -21.63 1.36
CA LEU C 175 17.71 -20.69 2.44
C LEU C 175 16.63 -19.59 2.45
N SER C 176 16.02 -19.34 3.60
CA SER C 176 15.05 -18.27 3.72
C SER C 176 14.98 -17.73 5.16
N ILE C 177 14.51 -16.49 5.27
CA ILE C 177 14.23 -15.83 6.53
C ILE C 177 12.75 -15.48 6.56
N VAL C 178 12.12 -15.61 7.73
CA VAL C 178 10.72 -15.24 7.88
C VAL C 178 10.63 -14.30 9.07
N ASN C 179 10.12 -13.07 8.85
CA ASN C 179 9.95 -12.06 9.89
C ASN C 179 8.51 -12.04 10.38
N LEU C 180 8.31 -12.05 11.70
CA LEU C 180 6.98 -11.94 12.27
C LEU C 180 6.56 -10.47 12.32
N CYS C 181 5.65 -10.09 11.40
CA CYS C 181 5.25 -8.70 11.21
C CYS C 181 3.93 -8.49 11.94
N ASP C 182 3.09 -7.53 11.49
CA ASP C 182 1.84 -7.23 12.16
C ASP C 182 0.82 -6.71 11.13
N ALA C 183 -0.36 -7.35 11.07
CA ALA C 183 -1.29 -7.07 9.99
C ALA C 183 -1.96 -5.73 10.29
N MET C 184 -1.87 -5.27 11.55
CA MET C 184 -2.60 -4.08 11.94
C MET C 184 -1.70 -2.84 11.92
N VAL C 185 -0.57 -2.92 11.19
CA VAL C 185 0.46 -1.88 11.20
C VAL C 185 -0.05 -0.54 10.65
N ASP C 186 -1.04 -0.55 9.73
CA ASP C 186 -1.56 0.68 9.14
C ASP C 186 -2.81 1.19 9.86
N GLN C 187 -3.26 0.45 10.87
CA GLN C 187 -4.40 0.87 11.66
C GLN C 187 -4.05 0.64 13.12
N PRO C 188 -3.03 1.35 13.65
CA PRO C 188 -2.40 0.93 14.90
C PRO C 188 -3.24 1.16 16.17
N CSX C 189 -2.91 0.40 17.21
CA CSX C 189 -3.46 0.60 18.54
CB CSX C 189 -2.96 -0.47 19.51
SG CSX C 189 -3.66 -2.08 19.11
C CSX C 189 -3.00 1.97 19.03
O CSX C 189 -1.87 2.40 18.80
OD CSX C 189 -5.07 -2.08 19.68
N MET C 190 -3.93 2.67 19.68
CA MET C 190 -3.71 4.00 20.23
C MET C 190 -2.55 3.92 21.23
N ALA C 191 -1.60 4.86 21.18
CA ALA C 191 -0.50 4.96 22.13
C ALA C 191 0.54 3.83 22.02
N PHE C 192 0.67 3.22 20.84
CA PHE C 192 1.66 2.19 20.58
C PHE C 192 2.64 2.60 19.47
N SER C 193 3.03 3.87 19.44
CA SER C 193 3.88 4.38 18.36
C SER C 193 5.21 3.64 18.24
N LEU C 194 5.96 3.47 19.35
CA LEU C 194 7.27 2.83 19.19
C LEU C 194 7.10 1.41 18.71
N TYR C 195 6.12 0.70 19.29
CA TYR C 195 5.85 -0.64 18.79
C TYR C 195 5.60 -0.58 17.28
N ASN C 196 4.70 0.34 16.89
CA ASN C 196 4.27 0.46 15.51
C ASN C 196 5.46 0.82 14.63
N MET C 197 6.33 1.73 15.10
CA MET C 197 7.56 2.11 14.39
C MET C 197 8.45 0.91 14.12
N GLY C 198 8.64 0.07 15.16
CA GLY C 198 9.46 -1.13 15.06
C GLY C 198 8.90 -2.10 14.02
N LYS C 199 7.58 -2.30 13.99
CA LYS C 199 6.99 -3.24 13.03
C LYS C 199 7.05 -2.70 11.60
N HIS C 200 6.94 -1.38 11.44
CA HIS C 200 7.08 -0.78 10.12
C HIS C 200 8.52 -0.96 9.65
N ALA C 201 9.49 -0.75 10.58
CA ALA C 201 10.90 -0.95 10.24
C ALA C 201 11.15 -2.38 9.80
N LEU C 202 10.47 -3.33 10.45
CA LEU C 202 10.61 -4.74 10.11
C LEU C 202 10.10 -5.02 8.69
N VAL C 203 9.03 -4.32 8.28
CA VAL C 203 8.60 -4.40 6.88
C VAL C 203 9.72 -3.90 5.96
N GLY C 204 10.30 -2.72 6.24
CA GLY C 204 11.42 -2.22 5.45
C GLY C 204 12.58 -3.24 5.34
N LEU C 205 12.93 -3.89 6.47
CA LEU C 205 13.97 -4.89 6.52
C LEU C 205 13.58 -6.07 5.63
N THR C 206 12.31 -6.49 5.74
CA THR C 206 11.89 -7.61 4.90
C THR C 206 12.15 -7.31 3.43
N GLN C 207 11.75 -6.09 2.99
CA GLN C 207 11.86 -5.72 1.60
C GLN C 207 13.31 -5.51 1.20
N SER C 208 14.07 -4.75 1.99
CA SER C 208 15.46 -4.43 1.64
C SER C 208 16.31 -5.69 1.63
N ALA C 209 16.08 -6.57 2.61
CA ALA C 209 16.88 -7.78 2.67
C ALA C 209 16.49 -8.75 1.56
N ALA C 210 15.19 -8.82 1.20
CA ALA C 210 14.81 -9.68 0.09
C ALA C 210 15.56 -9.27 -1.18
N LEU C 211 15.63 -7.95 -1.45
CA LEU C 211 16.27 -7.43 -2.66
C LEU C 211 17.76 -7.78 -2.67
N GLU C 212 18.42 -7.51 -1.55
CA GLU C 212 19.87 -7.62 -1.39
C GLU C 212 20.34 -9.07 -1.33
N LEU C 213 19.53 -9.96 -0.73
CA LEU C 213 20.00 -11.34 -0.56
C LEU C 213 19.49 -12.25 -1.67
N ALA C 214 18.61 -11.73 -2.53
CA ALA C 214 18.07 -12.54 -3.61
C ALA C 214 19.21 -13.13 -4.44
N PRO C 215 20.29 -12.37 -4.75
CA PRO C 215 21.39 -12.87 -5.56
C PRO C 215 22.14 -14.03 -4.90
N TYR C 216 21.90 -14.23 -3.60
CA TYR C 216 22.56 -15.28 -2.83
C TYR C 216 21.63 -16.47 -2.62
N GLY C 217 20.44 -16.43 -3.25
CA GLY C 217 19.45 -17.48 -3.09
C GLY C 217 18.81 -17.49 -1.71
N ILE C 218 18.97 -16.38 -0.94
CA ILE C 218 18.29 -16.30 0.34
C ILE C 218 16.97 -15.53 0.15
N ARG C 219 15.83 -16.16 0.46
CA ARG C 219 14.54 -15.49 0.35
C ARG C 219 14.21 -14.86 1.70
N VAL C 220 13.48 -13.74 1.68
CA VAL C 220 13.13 -13.06 2.93
C VAL C 220 11.66 -12.67 2.84
N ASN C 221 10.86 -13.14 3.81
CA ASN C 221 9.43 -13.00 3.74
C ASN C 221 8.90 -12.68 5.12
N GLY C 222 7.60 -12.35 5.20
CA GLY C 222 7.00 -12.04 6.48
C GLY C 222 5.64 -12.73 6.65
N VAL C 223 5.24 -12.83 7.91
CA VAL C 223 3.95 -13.38 8.29
C VAL C 223 3.39 -12.37 9.28
N ALA C 224 2.20 -11.86 8.99
CA ALA C 224 1.65 -10.77 9.78
C ALA C 224 0.36 -11.23 10.43
N PRO C 225 0.40 -11.65 11.71
CA PRO C 225 -0.82 -12.00 12.44
C PRO C 225 -1.68 -10.78 12.77
N GLY C 226 -2.96 -11.03 13.05
CA GLY C 226 -3.81 -9.98 13.59
C GLY C 226 -3.92 -10.19 15.08
N VAL C 227 -5.12 -10.50 15.56
CA VAL C 227 -5.28 -11.00 16.91
C VAL C 227 -4.99 -12.52 16.94
N SER C 228 -3.90 -12.86 17.63
CA SER C 228 -3.59 -14.25 17.91
C SER C 228 -3.72 -14.42 19.42
N LEU C 229 -2.96 -15.36 19.99
CA LEU C 229 -2.84 -15.48 21.45
C LEU C 229 -2.86 -14.08 22.06
N LEU C 230 -3.84 -13.86 22.96
CA LEU C 230 -4.14 -12.56 23.53
C LEU C 230 -3.23 -12.27 24.73
N PRO C 231 -3.25 -11.04 25.31
CA PRO C 231 -2.35 -10.65 26.40
C PRO C 231 -2.00 -11.78 27.40
N LYS C 239 -11.65 -10.26 26.61
CA LYS C 239 -10.84 -10.41 25.36
C LYS C 239 -11.74 -10.87 24.21
N ASP C 240 -13.04 -11.03 24.49
CA ASP C 240 -14.01 -11.44 23.49
C ASP C 240 -14.40 -10.25 22.62
N LYS C 241 -14.23 -9.05 23.18
CA LYS C 241 -14.45 -7.78 22.50
C LYS C 241 -13.71 -7.81 21.16
N TRP C 242 -12.48 -8.32 21.19
CA TRP C 242 -11.61 -8.39 20.03
C TRP C 242 -11.96 -9.59 19.15
N ARG C 243 -12.41 -10.68 19.78
CA ARG C 243 -12.82 -11.88 19.05
C ARG C 243 -14.00 -11.55 18.12
N ARG C 244 -14.95 -10.76 18.62
CA ARG C 244 -16.19 -10.43 17.92
C ARG C 244 -15.92 -9.61 16.66
N LYS C 245 -14.75 -8.96 16.57
CA LYS C 245 -14.47 -8.04 15.48
C LYS C 245 -13.96 -8.79 14.27
N VAL C 246 -13.46 -10.01 14.48
CA VAL C 246 -12.75 -10.74 13.44
C VAL C 246 -13.80 -11.33 12.49
N PRO C 247 -13.79 -10.99 11.17
CA PRO C 247 -14.77 -11.53 10.21
C PRO C 247 -14.81 -13.04 10.14
N LEU C 248 -13.64 -13.69 10.07
CA LEU C 248 -13.57 -15.12 9.87
C LEU C 248 -13.65 -15.85 11.22
N GLY C 249 -14.85 -16.01 11.77
CA GLY C 249 -15.06 -16.98 12.84
C GLY C 249 -15.09 -16.36 14.24
N ARG C 250 -14.99 -15.02 14.32
CA ARG C 250 -15.18 -14.31 15.57
C ARG C 250 -14.25 -14.84 16.67
N ARG C 251 -13.00 -15.15 16.27
CA ARG C 251 -12.01 -15.70 17.19
C ARG C 251 -10.60 -15.35 16.72
N GLU C 252 -9.64 -15.52 17.63
CA GLU C 252 -8.23 -15.33 17.36
C GLU C 252 -7.65 -16.52 16.57
N ALA C 253 -6.57 -16.23 15.83
CA ALA C 253 -5.72 -17.25 15.26
C ALA C 253 -5.12 -18.06 16.41
N SER C 254 -5.07 -19.38 16.24
CA SER C 254 -4.17 -20.17 17.06
C SER C 254 -2.73 -19.87 16.64
N ALA C 255 -1.78 -20.20 17.52
CA ALA C 255 -0.37 -20.08 17.20
C ALA C 255 -0.04 -20.96 16.02
N GLU C 256 -0.71 -22.12 15.93
CA GLU C 256 -0.38 -23.07 14.90
C GLU C 256 -0.74 -22.53 13.51
N GLN C 257 -1.84 -21.77 13.42
CA GLN C 257 -2.25 -21.13 12.16
C GLN C 257 -1.13 -20.19 11.69
N ILE C 258 -0.53 -19.49 12.66
CA ILE C 258 0.59 -18.62 12.30
C ILE C 258 1.74 -19.45 11.75
N ALA C 259 2.05 -20.56 12.47
CA ALA C 259 3.14 -21.47 12.14
C ALA C 259 2.98 -22.05 10.75
N ASP C 260 1.72 -22.35 10.39
CA ASP C 260 1.36 -22.88 9.07
C ASP C 260 1.95 -22.02 7.94
N ALA C 261 1.79 -20.71 8.08
CA ALA C 261 2.20 -19.76 7.04
C ALA C 261 3.73 -19.70 6.95
N VAL C 262 4.38 -19.75 8.10
CA VAL C 262 5.84 -19.87 8.16
C VAL C 262 6.32 -21.10 7.40
N ILE C 263 5.72 -22.25 7.71
CA ILE C 263 6.07 -23.53 7.07
C ILE C 263 5.97 -23.41 5.56
N PHE C 264 4.85 -22.83 5.09
CA PHE C 264 4.68 -22.60 3.67
C PHE C 264 5.87 -21.82 3.13
N LEU C 265 6.23 -20.71 3.79
CA LEU C 265 7.19 -19.79 3.23
C LEU C 265 8.61 -20.39 3.17
N VAL C 266 8.94 -21.29 4.13
CA VAL C 266 10.24 -21.98 4.15
C VAL C 266 10.29 -23.13 3.14
N SER C 267 9.12 -23.63 2.72
CA SER C 267 9.00 -24.85 1.94
C SER C 267 9.45 -24.63 0.49
N GLY C 268 9.60 -25.75 -0.24
CA GLY C 268 9.89 -25.71 -1.67
C GLY C 268 8.71 -25.22 -2.48
N SER C 269 7.53 -25.11 -1.84
CA SER C 269 6.34 -24.57 -2.48
C SER C 269 6.36 -23.03 -2.58
N ALA C 270 7.39 -22.38 -1.99
CA ALA C 270 7.53 -20.93 -1.97
C ALA C 270 8.88 -20.50 -2.56
N GLN C 271 9.44 -21.32 -3.44
CA GLN C 271 10.80 -21.06 -3.91
C GLN C 271 10.94 -19.78 -4.74
N TYR C 272 9.83 -19.26 -5.28
CA TYR C 272 9.93 -18.02 -6.06
C TYR C 272 9.45 -16.81 -5.26
N ILE C 273 9.07 -17.04 -4.00
CA ILE C 273 8.46 -16.01 -3.17
C ILE C 273 9.53 -15.37 -2.31
N THR C 274 9.72 -14.05 -2.51
CA THR C 274 10.57 -13.24 -1.64
C THR C 274 10.02 -11.81 -1.62
N GLY C 275 10.15 -11.16 -0.46
CA GLY C 275 9.68 -9.82 -0.19
C GLY C 275 8.16 -9.78 -0.02
N SER C 276 7.56 -10.94 0.28
CA SER C 276 6.13 -11.05 0.45
C SER C 276 5.81 -11.09 1.93
N ILE C 277 4.71 -10.48 2.30
CA ILE C 277 4.24 -10.56 3.67
C ILE C 277 2.82 -11.11 3.61
N ILE C 278 2.60 -12.27 4.27
CA ILE C 278 1.32 -12.91 4.23
C ILE C 278 0.58 -12.53 5.50
N LYS C 279 -0.60 -11.92 5.33
CA LYS C 279 -1.42 -11.61 6.49
C LYS C 279 -2.12 -12.89 6.92
N VAL C 280 -2.22 -13.07 8.23
CA VAL C 280 -2.93 -14.20 8.81
C VAL C 280 -3.77 -13.64 9.95
N ASP C 281 -4.92 -13.02 9.61
CA ASP C 281 -5.64 -12.16 10.54
C ASP C 281 -7.14 -12.43 10.47
N GLY C 282 -7.56 -13.46 9.74
CA GLY C 282 -8.98 -13.76 9.60
C GLY C 282 -9.83 -12.58 9.07
N GLY C 283 -9.19 -11.66 8.32
CA GLY C 283 -9.85 -10.52 7.73
C GLY C 283 -9.91 -9.27 8.63
N LEU C 284 -9.26 -9.29 9.81
CA LEU C 284 -9.45 -8.22 10.78
C LEU C 284 -9.03 -6.87 10.19
N SER C 285 -7.93 -6.84 9.40
CA SER C 285 -7.44 -5.58 8.90
C SER C 285 -8.36 -4.94 7.83
N LEU C 286 -9.32 -5.70 7.30
CA LEU C 286 -10.29 -5.18 6.33
C LEU C 286 -11.45 -4.44 7.01
N VAL C 287 -11.57 -4.52 8.35
CA VAL C 287 -12.77 -4.06 9.03
C VAL C 287 -12.62 -2.57 9.40
N HIS C 288 -13.55 -1.72 8.92
CA HIS C 288 -13.43 -0.29 9.19
C HIS C 288 -13.87 0.01 10.61
N ALA C 289 -13.55 1.23 11.07
CA ALA C 289 -13.91 1.75 12.38
C ALA C 289 -15.43 1.66 12.61
N GLU D 23 -17.47 -37.35 -1.04
CA GLU D 23 -16.61 -37.49 -2.25
C GLU D 23 -15.43 -36.52 -2.15
N ALA D 24 -14.66 -36.44 -3.25
CA ALA D 24 -13.59 -35.45 -3.38
C ALA D 24 -14.20 -34.06 -3.56
N PRO D 25 -13.58 -32.99 -3.00
CA PRO D 25 -14.06 -31.63 -3.25
C PRO D 25 -13.92 -31.28 -4.73
N ALA D 26 -14.53 -30.14 -5.13
CA ALA D 26 -14.52 -29.71 -6.52
C ALA D 26 -14.09 -28.25 -6.65
N ALA D 27 -13.36 -27.97 -7.74
CA ALA D 27 -12.88 -26.62 -8.04
C ALA D 27 -13.23 -26.23 -9.48
N VAL D 28 -13.57 -24.94 -9.66
CA VAL D 28 -13.63 -24.31 -10.98
C VAL D 28 -12.35 -23.49 -11.16
N VAL D 29 -11.72 -23.65 -12.31
CA VAL D 29 -10.57 -22.84 -12.70
C VAL D 29 -10.91 -22.18 -14.03
N THR D 30 -10.94 -20.84 -14.05
CA THR D 30 -11.26 -20.16 -15.30
C THR D 30 -10.00 -20.06 -16.14
N GLY D 31 -10.19 -20.08 -17.46
CA GLY D 31 -9.08 -20.06 -18.40
C GLY D 31 -8.05 -21.15 -18.12
N ALA D 32 -8.53 -22.39 -17.91
CA ALA D 32 -7.67 -23.46 -17.42
C ALA D 32 -7.03 -24.32 -18.52
N ALA D 33 -7.18 -23.96 -19.81
CA ALA D 33 -6.71 -24.85 -20.85
C ALA D 33 -5.20 -24.77 -21.01
N LYS D 34 -4.63 -23.59 -20.78
CA LYS D 34 -3.22 -23.39 -21.11
C LYS D 34 -2.53 -22.74 -19.91
N ARG D 35 -1.19 -22.78 -19.92
CA ARG D 35 -0.34 -21.90 -19.10
C ARG D 35 -0.70 -21.97 -17.61
N ILE D 36 -0.96 -20.83 -16.97
CA ILE D 36 -0.98 -20.86 -15.52
C ILE D 36 -2.25 -21.56 -15.04
N GLY D 37 -3.39 -21.29 -15.69
CA GLY D 37 -4.64 -21.93 -15.30
C GLY D 37 -4.56 -23.46 -15.44
N ARG D 38 -3.79 -23.92 -16.43
CA ARG D 38 -3.64 -25.34 -16.65
C ARG D 38 -2.87 -25.92 -15.47
N ALA D 39 -1.76 -25.26 -15.10
CA ALA D 39 -0.95 -25.74 -14.00
C ALA D 39 -1.76 -25.77 -12.71
N ILE D 40 -2.70 -24.83 -12.57
CA ILE D 40 -3.52 -24.79 -11.36
C ILE D 40 -4.51 -25.96 -11.34
N ALA D 41 -5.15 -26.26 -12.49
CA ALA D 41 -6.11 -27.35 -12.56
C ALA D 41 -5.40 -28.68 -12.25
N VAL D 42 -4.22 -28.88 -12.84
CA VAL D 42 -3.39 -30.07 -12.65
C VAL D 42 -3.15 -30.28 -11.17
N LYS D 43 -2.60 -29.24 -10.50
CA LYS D 43 -2.16 -29.39 -9.13
C LYS D 43 -3.35 -29.55 -8.19
N LEU D 44 -4.47 -28.87 -8.46
CA LEU D 44 -5.68 -29.11 -7.68
C LEU D 44 -6.10 -30.58 -7.84
N HIS D 45 -5.99 -31.09 -9.07
CA HIS D 45 -6.40 -32.45 -9.40
C HIS D 45 -5.50 -33.43 -8.64
N GLN D 46 -4.19 -33.24 -8.77
CA GLN D 46 -3.19 -34.04 -8.08
C GLN D 46 -3.36 -34.00 -6.57
N THR D 47 -4.03 -32.97 -6.04
CA THR D 47 -4.30 -32.84 -4.62
C THR D 47 -5.60 -33.53 -4.26
N GLY D 48 -6.33 -34.08 -5.24
CA GLY D 48 -7.55 -34.79 -4.92
C GLY D 48 -8.84 -34.06 -5.30
N TYR D 49 -8.74 -32.89 -5.94
CA TYR D 49 -9.91 -32.15 -6.38
C TYR D 49 -10.47 -32.73 -7.67
N ARG D 50 -11.80 -32.74 -7.77
CA ARG D 50 -12.45 -32.76 -9.09
C ARG D 50 -12.50 -31.33 -9.66
N VAL D 51 -12.28 -31.18 -10.97
CA VAL D 51 -12.07 -29.86 -11.58
C VAL D 51 -12.98 -29.62 -12.76
N VAL D 52 -13.51 -28.38 -12.85
CA VAL D 52 -14.11 -27.85 -14.05
C VAL D 52 -13.06 -27.01 -14.74
N ILE D 53 -12.78 -27.36 -15.99
CA ILE D 53 -11.84 -26.63 -16.82
C ILE D 53 -12.58 -25.67 -17.74
N HIS D 54 -12.61 -24.39 -17.33
CA HIS D 54 -13.27 -23.38 -18.12
C HIS D 54 -12.33 -22.97 -19.23
N TYR D 55 -12.88 -22.77 -20.43
CA TYR D 55 -12.08 -22.26 -21.53
C TYR D 55 -12.97 -21.35 -22.35
N HIS D 56 -12.37 -20.61 -23.28
CA HIS D 56 -13.10 -19.74 -24.18
C HIS D 56 -12.85 -20.23 -25.60
N ASN D 57 -11.62 -20.08 -26.08
CA ASN D 57 -11.25 -20.45 -27.44
C ASN D 57 -10.53 -21.80 -27.48
N SER D 58 -9.81 -22.16 -26.42
CA SER D 58 -8.88 -23.28 -26.51
C SER D 58 -9.58 -24.62 -26.29
N ALA D 59 -10.51 -24.90 -27.21
CA ALA D 59 -11.31 -26.11 -27.24
C ALA D 59 -10.41 -27.35 -27.17
N GLU D 60 -9.45 -27.48 -28.10
CA GLU D 60 -8.63 -28.66 -28.21
C GLU D 60 -7.88 -28.92 -26.90
N ALA D 61 -7.16 -27.89 -26.44
CA ALA D 61 -6.29 -27.99 -25.28
C ALA D 61 -7.11 -28.29 -24.04
N ALA D 62 -8.32 -27.73 -23.97
CA ALA D 62 -9.21 -27.98 -22.84
C ALA D 62 -9.59 -29.46 -22.78
N VAL D 63 -10.04 -29.99 -23.93
CA VAL D 63 -10.56 -31.34 -24.02
C VAL D 63 -9.41 -32.32 -23.74
N SER D 64 -8.23 -31.99 -24.27
CA SER D 64 -7.01 -32.75 -24.04
C SER D 64 -6.65 -32.85 -22.55
N LEU D 65 -6.78 -31.74 -21.82
CA LEU D 65 -6.38 -31.79 -20.42
C LEU D 65 -7.41 -32.61 -19.63
N ALA D 66 -8.70 -32.45 -19.93
CA ALA D 66 -9.72 -33.17 -19.20
C ALA D 66 -9.57 -34.68 -19.44
N ASP D 67 -9.12 -35.04 -20.64
CA ASP D 67 -8.82 -36.44 -20.99
C ASP D 67 -7.69 -36.96 -20.11
N GLU D 68 -6.60 -36.19 -20.04
CA GLU D 68 -5.42 -36.55 -19.28
C GLU D 68 -5.77 -36.76 -17.81
N LEU D 69 -6.65 -35.91 -17.26
CA LEU D 69 -6.95 -36.03 -15.85
C LEU D 69 -7.87 -37.22 -15.60
N ASN D 70 -8.79 -37.46 -16.54
CA ASN D 70 -9.81 -38.48 -16.35
C ASN D 70 -9.20 -39.89 -16.47
N LYS D 71 -8.19 -40.02 -17.34
CA LYS D 71 -7.42 -41.25 -17.43
C LYS D 71 -6.78 -41.55 -16.08
N GLU D 72 -6.48 -40.51 -15.31
CA GLU D 72 -5.75 -40.67 -14.06
C GLU D 72 -6.70 -41.08 -12.94
N ARG D 73 -7.89 -40.47 -12.95
CA ARG D 73 -8.99 -40.87 -12.09
C ARG D 73 -10.26 -40.55 -12.86
N SER D 74 -11.03 -41.57 -13.22
CA SER D 74 -12.17 -41.35 -14.08
C SER D 74 -13.19 -40.43 -13.42
N ASN D 75 -13.89 -39.66 -14.25
CA ASN D 75 -14.99 -38.82 -13.79
C ASN D 75 -14.48 -37.77 -12.80
N THR D 76 -13.33 -37.15 -13.09
CA THR D 76 -12.87 -36.13 -12.15
C THR D 76 -12.60 -34.78 -12.83
N ALA D 77 -13.04 -34.64 -14.09
CA ALA D 77 -12.69 -33.49 -14.92
C ALA D 77 -13.77 -33.28 -15.97
N VAL D 78 -14.27 -32.04 -16.07
CA VAL D 78 -15.13 -31.66 -17.18
C VAL D 78 -14.59 -30.37 -17.77
N VAL D 79 -15.08 -30.03 -18.97
CA VAL D 79 -14.82 -28.72 -19.54
C VAL D 79 -16.11 -27.91 -19.55
N CYS D 80 -15.99 -26.58 -19.67
CA CYS D 80 -17.14 -25.69 -19.70
C CYS D 80 -16.74 -24.43 -20.45
N GLN D 81 -17.43 -24.14 -21.56
CA GLN D 81 -17.05 -23.09 -22.50
C GLN D 81 -17.81 -21.81 -22.12
N ALA D 82 -17.10 -20.67 -22.14
CA ALA D 82 -17.77 -19.42 -21.84
C ALA D 82 -16.86 -18.25 -22.19
N ASP D 83 -17.45 -17.24 -22.83
CA ASP D 83 -16.83 -15.94 -23.06
C ASP D 83 -17.00 -15.10 -21.80
N LEU D 84 -15.89 -14.53 -21.27
CA LEU D 84 -15.95 -13.79 -20.01
C LEU D 84 -15.90 -12.27 -20.24
N THR D 85 -16.14 -11.88 -21.50
CA THR D 85 -16.23 -10.49 -21.89
C THR D 85 -17.47 -9.91 -21.23
N ASN D 86 -17.41 -8.65 -20.77
CA ASN D 86 -18.56 -8.01 -20.15
C ASN D 86 -19.66 -7.86 -21.20
N SER D 87 -20.91 -8.15 -20.83
CA SER D 87 -22.10 -7.95 -21.65
C SER D 87 -23.30 -8.12 -20.73
N ASN D 88 -24.51 -7.89 -21.24
CA ASN D 88 -25.70 -8.16 -20.47
C ASN D 88 -25.92 -9.66 -20.20
N VAL D 89 -25.20 -10.56 -20.89
CA VAL D 89 -25.37 -11.98 -20.57
C VAL D 89 -24.18 -12.55 -19.80
N LEU D 90 -23.20 -11.71 -19.43
CA LEU D 90 -22.11 -12.28 -18.64
C LEU D 90 -22.62 -12.91 -17.35
N PRO D 91 -23.58 -12.33 -16.63
CA PRO D 91 -24.06 -12.99 -15.41
C PRO D 91 -24.56 -14.43 -15.57
N ALA D 92 -25.30 -14.67 -16.66
CA ALA D 92 -25.84 -15.98 -16.96
C ALA D 92 -24.68 -16.89 -17.32
N SER D 93 -23.67 -16.40 -18.05
CA SER D 93 -22.55 -17.26 -18.36
C SER D 93 -21.82 -17.70 -17.09
N CYS D 94 -21.63 -16.73 -16.15
CA CYS D 94 -20.93 -17.02 -14.91
C CYS D 94 -21.74 -17.97 -14.04
N GLU D 95 -23.06 -17.73 -13.98
CA GLU D 95 -23.93 -18.64 -13.25
C GLU D 95 -23.77 -20.06 -13.81
N GLU D 96 -23.56 -20.16 -15.13
CA GLU D 96 -23.54 -21.43 -15.84
C GLU D 96 -22.25 -22.16 -15.49
N ILE D 97 -21.12 -21.44 -15.41
CA ILE D 97 -19.85 -22.04 -15.05
C ILE D 97 -19.98 -22.70 -13.68
N ILE D 98 -20.56 -21.96 -12.74
CA ILE D 98 -20.70 -22.52 -11.41
C ILE D 98 -21.68 -23.71 -11.47
N ASN D 99 -22.82 -23.54 -12.15
CA ASN D 99 -23.83 -24.59 -12.29
C ASN D 99 -23.20 -25.86 -12.85
N SER D 100 -22.28 -25.71 -13.83
CA SER D 100 -21.64 -26.86 -14.44
CA SER D 100 -21.63 -26.85 -14.44
C SER D 100 -20.87 -27.66 -13.40
N CYS D 101 -20.33 -26.98 -12.38
CA CYS D 101 -19.59 -27.68 -11.35
C CYS D 101 -20.56 -28.51 -10.51
N PHE D 102 -21.73 -27.94 -10.20
CA PHE D 102 -22.69 -28.65 -9.38
C PHE D 102 -23.28 -29.83 -10.18
N ARG D 103 -23.53 -29.61 -11.48
CA ARG D 103 -24.08 -30.60 -12.38
C ARG D 103 -23.13 -31.79 -12.43
N ALA D 104 -21.83 -31.55 -12.64
CA ALA D 104 -20.88 -32.64 -12.76
C ALA D 104 -20.54 -33.31 -11.43
N PHE D 105 -20.43 -32.53 -10.32
CA PHE D 105 -19.81 -33.09 -9.12
C PHE D 105 -20.70 -32.97 -7.89
N GLY D 106 -21.85 -32.30 -7.99
CA GLY D 106 -22.73 -32.17 -6.84
C GLY D 106 -22.27 -31.14 -5.80
N ARG D 107 -21.16 -30.43 -6.07
CA ARG D 107 -20.67 -29.43 -5.14
C ARG D 107 -19.68 -28.50 -5.83
N CYS D 108 -19.31 -27.40 -5.15
CA CYS D 108 -18.27 -26.53 -5.66
C CYS D 108 -17.55 -25.90 -4.45
N ASP D 109 -16.33 -26.35 -4.18
CA ASP D 109 -15.64 -25.95 -2.96
C ASP D 109 -14.68 -24.78 -3.22
N VAL D 110 -14.17 -24.71 -4.44
CA VAL D 110 -13.07 -23.81 -4.75
C VAL D 110 -13.35 -23.14 -6.10
N LEU D 111 -13.20 -21.80 -6.12
CA LEU D 111 -13.24 -21.07 -7.38
C LEU D 111 -11.88 -20.41 -7.56
N VAL D 112 -11.28 -20.59 -8.75
CA VAL D 112 -10.04 -19.92 -9.11
C VAL D 112 -10.29 -18.97 -10.28
N ASN D 113 -10.19 -17.65 -10.01
CA ASN D 113 -10.38 -16.65 -11.04
C ASN D 113 -9.05 -16.34 -11.71
N ASN D 114 -8.78 -17.05 -12.81
CA ASN D 114 -7.49 -17.03 -13.48
C ASN D 114 -7.56 -16.40 -14.87
N ALA D 115 -8.69 -16.56 -15.58
CA ALA D 115 -8.81 -16.11 -16.95
C ALA D 115 -8.61 -14.59 -17.01
N SER D 116 -7.92 -14.13 -18.07
CA SER D 116 -7.50 -12.74 -18.12
C SER D 116 -7.18 -12.34 -19.55
N ALA D 117 -7.69 -11.19 -19.98
CA ALA D 117 -7.24 -10.55 -21.20
C ALA D 117 -6.13 -9.55 -20.84
N PHE D 118 -5.17 -9.39 -21.75
CA PHE D 118 -4.03 -8.56 -21.47
C PHE D 118 -3.47 -8.03 -22.79
N TYR D 119 -3.57 -6.72 -23.00
CA TYR D 119 -3.03 -6.07 -24.20
C TYR D 119 -3.04 -4.57 -23.94
N PRO D 120 -2.22 -3.79 -24.68
CA PRO D 120 -2.15 -2.34 -24.48
C PRO D 120 -3.42 -1.63 -24.94
N THR D 121 -3.78 -0.58 -24.21
CA THR D 121 -4.85 0.33 -24.57
C THR D 121 -4.35 1.75 -24.35
N PRO D 122 -3.49 2.28 -25.25
CA PRO D 122 -2.86 3.59 -25.05
C PRO D 122 -3.92 4.68 -24.93
N LEU D 123 -3.62 5.67 -24.09
CA LEU D 123 -4.54 6.77 -23.82
C LEU D 123 -4.48 7.72 -25.02
N VAL D 124 -3.30 7.80 -25.66
CA VAL D 124 -3.13 8.71 -26.78
C VAL D 124 -2.93 7.89 -28.06
N GLN D 125 -3.85 8.09 -29.02
CA GLN D 125 -4.01 7.26 -30.20
C GLN D 125 -3.73 8.10 -31.45
N GLY D 134 -7.32 -3.52 -33.55
CA GLY D 134 -8.38 -2.87 -34.36
C GLY D 134 -9.76 -2.99 -33.72
N LYS D 135 -9.78 -3.12 -32.37
CA LYS D 135 -11.02 -3.23 -31.62
C LYS D 135 -11.48 -1.85 -31.17
N THR D 136 -12.80 -1.65 -31.05
CA THR D 136 -13.31 -0.40 -30.53
C THR D 136 -12.87 -0.27 -29.06
N VAL D 137 -12.95 0.96 -28.54
CA VAL D 137 -12.67 1.16 -27.13
C VAL D 137 -13.75 0.46 -26.30
N GLU D 138 -15.00 0.40 -26.79
CA GLU D 138 -16.07 -0.25 -26.02
C GLU D 138 -15.79 -1.75 -25.88
N THR D 139 -15.12 -2.34 -26.88
CA THR D 139 -14.76 -3.75 -26.82
C THR D 139 -13.57 -3.96 -25.88
N GLN D 140 -12.57 -3.07 -25.91
CA GLN D 140 -11.41 -3.17 -25.05
C GLN D 140 -11.86 -3.12 -23.58
N VAL D 141 -12.81 -2.24 -23.31
CA VAL D 141 -13.33 -2.11 -21.95
C VAL D 141 -14.01 -3.42 -21.58
N ALA D 142 -14.89 -3.90 -22.47
CA ALA D 142 -15.64 -5.11 -22.24
C ALA D 142 -14.72 -6.29 -21.93
N GLU D 143 -13.60 -6.43 -22.65
CA GLU D 143 -12.73 -7.60 -22.50
C GLU D 143 -11.80 -7.47 -21.30
N LEU D 144 -11.14 -6.31 -21.17
CA LEU D 144 -10.18 -6.15 -20.10
C LEU D 144 -10.85 -5.99 -18.73
N ILE D 145 -11.97 -5.26 -18.65
CA ILE D 145 -12.64 -5.08 -17.36
C ILE D 145 -13.56 -6.28 -17.07
N GLY D 146 -14.23 -6.78 -18.13
CA GLY D 146 -15.05 -7.98 -18.00
C GLY D 146 -14.28 -9.21 -17.50
N THR D 147 -13.20 -9.60 -18.19
CA THR D 147 -12.49 -10.82 -17.82
C THR D 147 -11.77 -10.68 -16.49
N ASN D 148 -11.12 -9.53 -16.27
CA ASN D 148 -10.20 -9.37 -15.16
C ASN D 148 -10.93 -9.01 -13.89
N ALA D 149 -12.16 -8.49 -14.02
CA ALA D 149 -12.82 -7.97 -12.84
C ALA D 149 -14.31 -8.33 -12.77
N ILE D 150 -15.09 -8.03 -13.81
CA ILE D 150 -16.54 -8.22 -13.70
CA ILE D 150 -16.53 -8.21 -13.67
C ILE D 150 -16.87 -9.71 -13.60
N ALA D 151 -16.24 -10.50 -14.47
CA ALA D 151 -16.50 -11.94 -14.45
C ALA D 151 -16.13 -12.54 -13.07
N PRO D 152 -14.92 -12.25 -12.52
CA PRO D 152 -14.64 -12.62 -11.13
C PRO D 152 -15.74 -12.26 -10.12
N PHE D 153 -16.28 -11.05 -10.20
CA PHE D 153 -17.34 -10.63 -9.28
C PHE D 153 -18.59 -11.50 -9.46
N LEU D 154 -19.01 -11.68 -10.72
CA LEU D 154 -20.21 -12.47 -10.98
C LEU D 154 -20.00 -13.95 -10.62
N LEU D 155 -18.82 -14.50 -10.92
CA LEU D 155 -18.53 -15.88 -10.49
C LEU D 155 -18.57 -16.00 -8.97
N THR D 156 -18.02 -14.99 -8.26
CA THR D 156 -18.07 -14.94 -6.81
C THR D 156 -19.50 -14.98 -6.29
N MET D 157 -20.40 -14.15 -6.87
CA MET D 157 -21.78 -14.06 -6.45
C MET D 157 -22.44 -15.43 -6.63
N SER D 158 -22.22 -16.02 -7.80
CA SER D 158 -22.85 -17.29 -8.15
C SER D 158 -22.31 -18.39 -7.25
N PHE D 159 -20.98 -18.40 -7.07
CA PHE D 159 -20.34 -19.33 -6.13
C PHE D 159 -21.03 -19.23 -4.76
N ALA D 160 -21.19 -18.01 -4.23
CA ALA D 160 -21.66 -17.85 -2.86
C ALA D 160 -23.14 -18.17 -2.73
N GLN D 161 -23.91 -17.83 -3.76
CA GLN D 161 -25.36 -18.01 -3.74
C GLN D 161 -25.67 -19.51 -3.73
N ARG D 162 -24.91 -20.30 -4.50
CA ARG D 162 -25.11 -21.75 -4.54
C ARG D 162 -24.72 -22.43 -3.22
N GLN D 163 -23.97 -21.75 -2.34
CA GLN D 163 -23.58 -22.36 -1.07
C GLN D 163 -24.71 -22.20 -0.04
N SER D 173 -17.56 -26.51 4.59
CA SER D 173 -16.35 -27.38 4.64
C SER D 173 -15.10 -26.51 4.64
N ASN D 174 -14.41 -26.44 3.50
CA ASN D 174 -13.27 -25.53 3.35
C ASN D 174 -13.43 -24.76 2.04
N LEU D 175 -14.35 -23.78 2.06
CA LEU D 175 -14.74 -23.11 0.82
C LEU D 175 -13.80 -21.94 0.56
N SER D 176 -13.31 -21.77 -0.67
CA SER D 176 -12.48 -20.60 -0.85
C SER D 176 -12.33 -20.19 -2.30
N ILE D 177 -11.97 -18.91 -2.50
CA ILE D 177 -11.83 -18.34 -3.82
C ILE D 177 -10.42 -17.80 -3.89
N VAL D 178 -9.77 -17.99 -5.03
CA VAL D 178 -8.45 -17.41 -5.24
C VAL D 178 -8.48 -16.65 -6.57
N ASN D 179 -8.16 -15.34 -6.50
CA ASN D 179 -8.07 -14.42 -7.62
C ASN D 179 -6.61 -14.31 -8.07
N LEU D 180 -6.36 -14.42 -9.36
CA LEU D 180 -5.03 -14.18 -9.91
C LEU D 180 -4.91 -12.67 -10.18
N CYS D 181 -4.12 -12.01 -9.33
CA CYS D 181 -3.90 -10.59 -9.32
C CYS D 181 -2.59 -10.33 -10.05
N ASP D 182 -1.90 -9.25 -9.74
CA ASP D 182 -0.74 -8.84 -10.51
C ASP D 182 0.20 -8.08 -9.58
N ALA D 183 1.43 -8.60 -9.39
CA ALA D 183 2.34 -8.00 -8.42
C ALA D 183 2.76 -6.60 -8.86
N MET D 184 2.61 -6.29 -10.16
CA MET D 184 3.15 -5.05 -10.71
C MET D 184 2.08 -3.96 -10.84
N VAL D 185 1.00 -4.06 -10.07
CA VAL D 185 -0.18 -3.27 -10.34
C VAL D 185 0.08 -1.80 -9.95
N ASP D 186 1.05 -1.56 -9.05
CA ASP D 186 1.40 -0.22 -8.65
C ASP D 186 2.64 0.30 -9.39
N GLN D 187 3.20 -0.53 -10.28
CA GLN D 187 4.30 -0.08 -11.12
C GLN D 187 3.99 -0.53 -12.54
N PRO D 188 2.90 -0.03 -13.16
CA PRO D 188 2.32 -0.73 -14.32
C PRO D 188 3.16 -0.57 -15.58
N CSX D 189 2.94 -1.47 -16.54
CA CSX D 189 3.40 -1.30 -17.92
CB CSX D 189 3.06 -2.50 -18.79
SG CSX D 189 3.93 -3.95 -18.18
C CSX D 189 2.78 -0.04 -18.52
O CSX D 189 1.60 0.25 -18.32
OD CSX D 189 5.38 -3.72 -18.57
N MET D 190 3.59 0.69 -19.28
CA MET D 190 3.17 1.87 -20.03
C MET D 190 2.05 1.47 -21.00
N ALA D 191 0.95 2.25 -21.06
CA ALA D 191 -0.14 2.04 -22.02
C ALA D 191 -0.99 0.81 -21.75
N PHE D 192 -0.98 0.32 -20.51
CA PHE D 192 -1.88 -0.75 -20.12
C PHE D 192 -2.91 -0.28 -19.08
N SER D 193 -3.50 0.91 -19.27
CA SER D 193 -4.35 1.45 -18.24
CA SER D 193 -4.42 1.51 -18.31
C SER D 193 -5.58 0.56 -18.00
N LEU D 194 -6.27 0.09 -19.04
CA LEU D 194 -7.49 -0.68 -18.77
C LEU D 194 -7.19 -2.02 -18.12
N TYR D 195 -6.11 -2.69 -18.54
CA TYR D 195 -5.69 -3.90 -17.86
C TYR D 195 -5.43 -3.63 -16.38
N ASN D 196 -4.68 -2.55 -16.09
CA ASN D 196 -4.25 -2.28 -14.73
CA ASN D 196 -4.26 -2.31 -14.72
C ASN D 196 -5.47 -1.94 -13.89
N MET D 197 -6.43 -1.23 -14.51
CA MET D 197 -7.67 -0.87 -13.83
C MET D 197 -8.43 -2.13 -13.43
N GLY D 198 -8.45 -3.12 -14.32
CA GLY D 198 -9.15 -4.37 -14.03
C GLY D 198 -8.49 -5.13 -12.89
N LYS D 199 -7.16 -5.19 -12.90
CA LYS D 199 -6.44 -5.88 -11.83
C LYS D 199 -6.59 -5.14 -10.51
N HIS D 200 -6.66 -3.79 -10.55
CA HIS D 200 -6.84 -3.07 -9.31
C HIS D 200 -8.23 -3.39 -8.78
N ALA D 201 -9.23 -3.41 -9.69
CA ALA D 201 -10.58 -3.76 -9.28
C ALA D 201 -10.63 -5.15 -8.63
N LEU D 202 -9.87 -6.08 -9.18
CA LEU D 202 -9.78 -7.44 -8.62
C LEU D 202 -9.22 -7.46 -7.18
N VAL D 203 -8.27 -6.57 -6.88
CA VAL D 203 -7.84 -6.39 -5.49
C VAL D 203 -9.04 -5.97 -4.64
N GLY D 204 -9.78 -4.95 -5.10
CA GLY D 204 -10.93 -4.51 -4.31
C GLY D 204 -11.94 -5.64 -4.10
N LEU D 205 -12.20 -6.41 -5.16
CA LEU D 205 -13.07 -7.57 -5.06
C LEU D 205 -12.55 -8.55 -3.98
N THR D 206 -11.24 -8.88 -4.03
CA THR D 206 -10.64 -9.79 -3.05
C THR D 206 -10.94 -9.34 -1.61
N GLN D 207 -10.78 -8.03 -1.34
CA GLN D 207 -10.98 -7.52 0.01
C GLN D 207 -12.46 -7.50 0.38
N SER D 208 -13.28 -6.94 -0.53
CA SER D 208 -14.71 -6.76 -0.29
C SER D 208 -15.38 -8.12 -0.10
N ALA D 209 -15.05 -9.07 -0.99
CA ALA D 209 -15.69 -10.38 -0.85
C ALA D 209 -15.13 -11.14 0.34
N ALA D 210 -13.83 -10.97 0.66
CA ALA D 210 -13.33 -11.60 1.89
C ALA D 210 -14.17 -11.15 3.09
N LEU D 211 -14.42 -9.83 3.20
CA LEU D 211 -15.13 -9.30 4.35
C LEU D 211 -16.58 -9.82 4.40
N GLU D 212 -17.25 -9.82 3.24
CA GLU D 212 -18.68 -10.09 3.18
C GLU D 212 -18.97 -11.59 3.28
N LEU D 213 -18.06 -12.43 2.75
CA LEU D 213 -18.31 -13.88 2.72
C LEU D 213 -17.73 -14.61 3.95
N ALA D 214 -16.92 -13.92 4.76
CA ALA D 214 -16.34 -14.54 5.94
C ALA D 214 -17.42 -15.19 6.82
N PRO D 215 -18.57 -14.54 7.09
CA PRO D 215 -19.57 -15.13 7.98
C PRO D 215 -20.23 -16.38 7.38
N TYR D 216 -20.03 -16.63 6.08
CA TYR D 216 -20.45 -17.87 5.45
C TYR D 216 -19.32 -18.90 5.43
N GLY D 217 -18.17 -18.58 6.03
CA GLY D 217 -17.06 -19.51 6.05
C GLY D 217 -16.37 -19.64 4.69
N ILE D 218 -16.57 -18.66 3.79
CA ILE D 218 -15.85 -18.67 2.52
C ILE D 218 -14.69 -17.68 2.61
N ARG D 219 -13.47 -18.13 2.26
CA ARG D 219 -12.28 -17.29 2.35
C ARG D 219 -11.97 -16.81 0.94
N VAL D 220 -11.42 -15.59 0.82
CA VAL D 220 -11.15 -15.05 -0.49
C VAL D 220 -9.74 -14.46 -0.44
N ASN D 221 -8.88 -14.87 -1.36
CA ASN D 221 -7.49 -14.47 -1.28
C ASN D 221 -7.00 -14.32 -2.70
N GLY D 222 -5.76 -13.84 -2.84
CA GLY D 222 -5.22 -13.70 -4.19
C GLY D 222 -3.77 -14.15 -4.28
N VAL D 223 -3.36 -14.44 -5.50
CA VAL D 223 -1.98 -14.77 -5.78
C VAL D 223 -1.59 -13.80 -6.88
N ALA D 224 -0.45 -13.12 -6.71
CA ALA D 224 -0.05 -12.04 -7.61
C ALA D 224 1.29 -12.38 -8.23
N PRO D 225 1.32 -12.98 -9.45
CA PRO D 225 2.58 -13.18 -10.14
C PRO D 225 3.24 -11.87 -10.56
N GLY D 226 4.57 -11.93 -10.66
CA GLY D 226 5.28 -10.85 -11.31
C GLY D 226 5.38 -11.12 -12.80
N VAL D 227 6.56 -11.57 -13.22
CA VAL D 227 6.72 -12.08 -14.56
C VAL D 227 6.75 -13.60 -14.49
N SER D 228 5.81 -14.22 -15.19
CA SER D 228 5.75 -15.67 -15.25
C SER D 228 5.85 -16.05 -16.72
N LEU D 229 5.13 -17.09 -17.12
CA LEU D 229 5.11 -17.51 -18.52
C LEU D 229 4.97 -16.27 -19.40
N LEU D 230 6.01 -16.01 -20.19
CA LEU D 230 6.09 -14.80 -21.00
C LEU D 230 5.20 -14.97 -22.23
N PRO D 231 4.58 -13.89 -22.77
CA PRO D 231 3.71 -13.98 -23.95
C PRO D 231 4.31 -14.72 -25.15
N VAL D 232 3.43 -15.43 -25.89
CA VAL D 232 3.79 -16.26 -27.04
C VAL D 232 4.40 -15.39 -28.12
N ALA D 233 3.74 -14.27 -28.45
CA ALA D 233 4.23 -13.33 -29.44
C ALA D 233 5.17 -12.32 -28.81
N MET D 234 6.38 -12.78 -28.44
CA MET D 234 7.42 -11.91 -27.90
C MET D 234 8.79 -12.47 -28.29
N GLY D 235 9.78 -11.56 -28.40
CA GLY D 235 11.13 -11.90 -28.83
C GLY D 235 11.88 -12.76 -27.82
N GLU D 236 13.21 -12.58 -27.75
CA GLU D 236 14.05 -13.50 -26.98
C GLU D 236 15.24 -12.77 -26.36
N GLU D 237 15.80 -11.78 -27.06
CA GLU D 237 16.61 -10.75 -26.42
C GLU D 237 15.74 -10.00 -25.41
N GLU D 238 14.43 -9.95 -25.72
CA GLU D 238 13.40 -9.19 -25.01
C GLU D 238 12.88 -9.97 -23.80
N LYS D 239 12.81 -11.30 -23.95
CA LYS D 239 12.43 -12.15 -22.82
C LYS D 239 13.54 -12.09 -21.79
N ASP D 240 14.78 -11.99 -22.26
CA ASP D 240 15.94 -11.97 -21.38
C ASP D 240 16.08 -10.60 -20.74
N LYS D 241 15.51 -9.58 -21.40
CA LYS D 241 15.47 -8.24 -20.82
C LYS D 241 14.71 -8.35 -19.49
N TRP D 242 13.50 -8.93 -19.56
CA TRP D 242 12.60 -9.02 -18.43
C TRP D 242 13.15 -10.00 -17.40
N ARG D 243 13.82 -11.05 -17.91
CA ARG D 243 14.35 -12.05 -17.01
C ARG D 243 15.41 -11.45 -16.09
N ARG D 244 16.27 -10.60 -16.65
CA ARG D 244 17.43 -10.06 -15.94
C ARG D 244 17.03 -9.11 -14.80
N LYS D 245 15.79 -8.62 -14.82
CA LYS D 245 15.28 -7.68 -13.81
C LYS D 245 14.89 -8.38 -12.50
N VAL D 246 14.63 -9.71 -12.58
CA VAL D 246 14.13 -10.49 -11.45
C VAL D 246 15.27 -10.77 -10.47
N PRO D 247 15.26 -10.19 -9.25
CA PRO D 247 16.32 -10.41 -8.27
C PRO D 247 16.55 -11.89 -7.95
N LEU D 248 15.48 -12.66 -7.80
CA LEU D 248 15.69 -14.01 -7.31
C LEU D 248 15.89 -14.93 -8.50
N GLY D 249 17.13 -15.03 -9.00
CA GLY D 249 17.47 -16.06 -9.96
C GLY D 249 17.38 -15.60 -11.41
N ARG D 250 17.07 -14.31 -11.64
CA ARG D 250 17.06 -13.73 -12.98
C ARG D 250 16.25 -14.60 -13.96
N ARG D 251 15.04 -15.00 -13.53
CA ARG D 251 14.16 -15.82 -14.36
C ARG D 251 12.71 -15.58 -13.93
N GLU D 252 11.80 -15.89 -14.86
CA GLU D 252 10.36 -15.87 -14.65
C GLU D 252 9.93 -17.05 -13.77
N ALA D 253 8.74 -16.94 -13.16
CA ALA D 253 8.12 -18.04 -12.45
C ALA D 253 7.65 -19.09 -13.45
N SER D 254 7.80 -20.36 -13.06
CA SER D 254 7.07 -21.45 -13.69
C SER D 254 5.61 -21.33 -13.30
N ALA D 255 4.73 -21.89 -14.13
CA ALA D 255 3.30 -21.95 -13.85
C ALA D 255 3.08 -22.71 -12.55
N GLU D 256 3.92 -23.74 -12.33
CA GLU D 256 3.82 -24.62 -11.17
C GLU D 256 4.08 -23.83 -9.89
N GLN D 257 5.05 -22.94 -9.95
CA GLN D 257 5.34 -22.07 -8.82
C GLN D 257 4.14 -21.17 -8.47
N ILE D 258 3.41 -20.68 -9.46
CA ILE D 258 2.20 -19.88 -9.19
C ILE D 258 1.13 -20.80 -8.57
N ALA D 259 0.95 -21.97 -9.20
CA ALA D 259 -0.01 -22.97 -8.74
C ALA D 259 0.23 -23.37 -7.27
N ASP D 260 1.51 -23.43 -6.88
CA ASP D 260 1.86 -23.81 -5.51
C ASP D 260 1.19 -22.89 -4.48
N ALA D 261 1.18 -21.58 -4.78
CA ALA D 261 0.60 -20.59 -3.89
C ALA D 261 -0.92 -20.74 -3.85
N VAL D 262 -1.55 -21.05 -5.00
CA VAL D 262 -2.98 -21.34 -5.06
C VAL D 262 -3.31 -22.51 -4.13
N ILE D 263 -2.56 -23.62 -4.28
CA ILE D 263 -2.72 -24.82 -3.46
C ILE D 263 -2.67 -24.47 -1.97
N PHE D 264 -1.66 -23.68 -1.60
CA PHE D 264 -1.55 -23.27 -0.21
C PHE D 264 -2.83 -22.56 0.24
N LEU D 265 -3.31 -21.55 -0.52
CA LEU D 265 -4.45 -20.75 -0.03
C LEU D 265 -5.74 -21.55 0.07
N VAL D 266 -5.89 -22.58 -0.78
CA VAL D 266 -7.12 -23.37 -0.67
C VAL D 266 -6.99 -24.42 0.44
N SER D 267 -5.76 -24.73 0.88
CA SER D 267 -5.48 -25.84 1.79
C SER D 267 -5.94 -25.55 3.21
N GLY D 268 -5.96 -26.62 4.03
CA GLY D 268 -6.29 -26.55 5.44
C GLY D 268 -5.23 -25.81 6.26
N SER D 269 -4.09 -25.50 5.62
CA SER D 269 -3.05 -24.69 6.27
C SER D 269 -3.34 -23.19 6.18
N ALA D 270 -4.40 -22.77 5.46
CA ALA D 270 -4.68 -21.34 5.31
C ALA D 270 -6.05 -20.97 5.86
N GLN D 271 -6.51 -21.72 6.85
CA GLN D 271 -7.89 -21.60 7.31
C GLN D 271 -8.18 -20.28 8.00
N TYR D 272 -7.16 -19.54 8.44
CA TYR D 272 -7.41 -18.25 9.07
C TYR D 272 -7.06 -17.11 8.11
N ILE D 273 -6.67 -17.46 6.88
CA ILE D 273 -6.18 -16.47 5.95
C ILE D 273 -7.34 -16.04 5.05
N THR D 274 -7.70 -14.75 5.10
CA THR D 274 -8.71 -14.23 4.15
C THR D 274 -8.39 -12.75 3.88
N GLY D 275 -8.61 -12.29 2.64
CA GLY D 275 -8.34 -10.91 2.28
C GLY D 275 -6.84 -10.71 2.00
N SER D 276 -6.08 -11.79 1.81
CA SER D 276 -4.63 -11.68 1.68
C SER D 276 -4.25 -11.89 0.24
N ILE D 277 -3.21 -11.18 -0.23
CA ILE D 277 -2.72 -11.40 -1.57
C ILE D 277 -1.23 -11.74 -1.48
N ILE D 278 -0.85 -12.95 -1.94
CA ILE D 278 0.53 -13.41 -1.85
C ILE D 278 1.24 -13.11 -3.17
N LYS D 279 2.27 -12.27 -3.13
CA LYS D 279 3.03 -12.03 -4.34
C LYS D 279 3.93 -13.23 -4.54
N VAL D 280 4.06 -13.64 -5.80
CA VAL D 280 4.93 -14.71 -6.24
C VAL D 280 5.75 -14.12 -7.39
N ASP D 281 6.71 -13.24 -7.05
CA ASP D 281 7.31 -12.38 -8.07
C ASP D 281 8.82 -12.37 -8.06
N GLY D 282 9.44 -13.18 -7.20
CA GLY D 282 10.90 -13.26 -7.08
C GLY D 282 11.57 -11.92 -6.78
N GLY D 283 10.85 -11.02 -6.08
CA GLY D 283 11.42 -9.73 -5.73
C GLY D 283 11.19 -8.62 -6.76
N LEU D 284 10.51 -8.90 -7.89
CA LEU D 284 10.46 -7.98 -9.04
C LEU D 284 9.83 -6.64 -8.64
N SER D 285 8.76 -6.70 -7.84
CA SER D 285 8.07 -5.49 -7.46
C SER D 285 8.92 -4.62 -6.52
N LEU D 286 10.02 -5.17 -5.99
CA LEU D 286 10.85 -4.38 -5.07
C LEU D 286 11.90 -3.54 -5.80
N VAL D 287 12.11 -3.78 -7.10
CA VAL D 287 13.22 -3.19 -7.85
C VAL D 287 12.83 -1.80 -8.37
N HIS D 288 13.62 -0.77 -8.05
CA HIS D 288 13.33 0.59 -8.51
C HIS D 288 13.71 0.73 -9.98
N ALA D 289 13.24 1.82 -10.61
CA ALA D 289 13.53 2.08 -12.01
C ALA D 289 15.04 2.20 -12.21
PA NDP E . 20.43 15.89 3.62
O1A NDP E . 21.01 17.08 2.93
O2A NDP E . 20.98 14.52 3.33
O5B NDP E . 20.42 16.10 5.22
C5B NDP E . 19.73 17.21 5.81
C4B NDP E . 20.40 17.57 7.11
O4B NDP E . 20.34 16.46 8.04
C3B NDP E . 21.89 17.88 7.06
O3B NDP E . 22.14 19.20 6.58
C2B NDP E . 22.35 17.63 8.51
O2B NDP E . 22.56 18.82 9.29
C1B NDP E . 21.21 16.78 9.09
N9A NDP E . 21.71 15.60 9.79
C8A NDP E . 22.36 14.50 9.29
N7A NDP E . 22.77 13.66 10.21
C5A NDP E . 22.43 14.29 11.40
C6A NDP E . 22.63 13.95 12.76
N6A NDP E . 23.26 12.84 13.13
N1A NDP E . 22.23 14.84 13.71
C2A NDP E . 21.61 15.96 13.33
N3A NDP E . 21.34 16.39 12.07
C4A NDP E . 21.79 15.50 11.16
O3 NDP E . 18.85 15.94 3.31
PN NDP E . 18.08 16.47 1.99
O1N NDP E . 18.81 15.91 0.80
O2N NDP E . 17.93 17.95 2.13
O5D NDP E . 16.64 15.77 2.12
C5D NDP E . 15.74 16.29 3.14
C4D NDP E . 14.79 15.20 3.57
O4D NDP E . 14.17 14.61 2.39
C3D NDP E . 15.44 14.02 4.33
O3D NDP E . 14.61 13.59 5.40
C2D NDP E . 15.59 12.96 3.24
O2D NDP E . 15.77 11.62 3.67
C1D NDP E . 14.33 13.21 2.43
N1N NDP E . 14.52 12.76 1.03
C2N NDP E . 15.37 13.43 0.18
C3N NDP E . 15.65 12.98 -1.08
C7N NDP E . 16.63 13.69 -1.95
O7N NDP E . 16.67 13.41 -3.16
N7N NDP E . 17.45 14.61 -1.42
C4N NDP E . 14.97 11.73 -1.56
C5N NDP E . 14.03 11.11 -0.59
C6N NDP E . 13.79 11.66 0.58
P2B NDP E . 24.08 19.47 9.29
O1X NDP E . 23.84 20.72 10.12
O2X NDP E . 25.09 18.52 9.97
O3X NDP E . 24.44 19.77 7.84
CAF A1IXR F . 18.82 11.02 -1.30
CAC A1IXR F . 18.77 11.31 0.00
SAV A1IXR F . 19.65 12.45 1.02
CAB A1IXR F . 18.85 11.97 2.44
NAA A1IXR F . 19.02 12.44 3.67
NAE A1IXR F . 17.97 11.03 2.14
CAD A1IXR F . 17.89 10.65 0.83
CAI A1IXR F . 17.09 9.70 0.34
CAH A1IXR F . 17.09 9.36 -1.00
CAG A1IXR F . 17.96 10.04 -1.84
CAJ A1IXR F . 17.95 9.70 -3.21
OAK A1IXR F . 18.67 10.27 -4.03
NAL A1IXR F . 17.08 8.72 -3.55
CAM A1IXR F . 16.94 8.30 -4.95
CAN A1IXR F . 17.05 6.77 -5.05
CAO A1IXR F . 16.50 6.34 -6.26
CAP A1IXR F . 16.65 7.12 -7.40
CAQ A1IXR F . 16.10 6.73 -8.62
BRAU A1IXR F . 16.34 7.87 -10.18
CAR A1IXR F . 15.41 5.52 -8.70
CAS A1IXR F . 15.27 4.75 -7.55
CAT A1IXR F . 15.81 5.14 -6.32
C1 EDO G . 21.93 26.30 0.71
O1 EDO G . 20.76 25.83 0.02
C2 EDO G . 22.85 25.17 0.78
O2 EDO G . 22.03 24.14 0.28
C1 EDO H . -0.56 26.74 -0.71
O1 EDO H . -0.86 25.42 -0.34
C2 EDO H . -0.31 27.64 0.43
O2 EDO H . -1.35 27.63 1.38
PA NDP I . -22.60 12.18 -4.80
O1A NDP I . -23.34 13.34 -4.23
O2A NDP I . -22.89 10.78 -4.35
O5B NDP I . -22.62 12.21 -6.40
C5B NDP I . -22.04 13.32 -7.13
C4B NDP I . -22.73 13.45 -8.47
O4B NDP I . -22.48 12.26 -9.24
C3B NDP I . -24.28 13.53 -8.45
O3B NDP I . -24.79 14.83 -8.16
C2B NDP I . -24.67 12.99 -9.83
O2B NDP I . -25.11 13.98 -10.80
C1B NDP I . -23.39 12.28 -10.31
N9A NDP I . -23.69 10.95 -10.81
C8A NDP I . -24.19 9.85 -10.17
N7A NDP I . -24.48 8.86 -10.99
C5A NDP I . -24.22 9.37 -12.26
C6A NDP I . -24.37 8.84 -13.57
N6A NDP I . -24.87 7.64 -13.85
N1A NDP I . -24.06 9.66 -14.61
C2A NDP I . -23.58 10.89 -14.34
N3A NDP I . -23.39 11.49 -13.16
C4A NDP I . -23.76 10.67 -12.16
O3 NDP I . -21.04 12.56 -4.55
PN NDP I . -20.32 13.38 -3.37
O1N NDP I . -20.81 12.88 -2.04
O2N NDP I . -20.50 14.82 -3.68
O5D NDP I . -18.75 12.96 -3.54
C5D NDP I . -17.87 13.39 -4.64
C4D NDP I . -16.81 12.34 -4.85
O4D NDP I . -16.20 12.00 -3.56
C3D NDP I . -17.30 11.00 -5.44
O3D NDP I . -16.48 10.49 -6.51
C2D NDP I . -17.32 10.08 -4.22
O2D NDP I . -17.22 8.66 -4.47
C1D NDP I . -16.14 10.60 -3.40
N1N NDP I . -16.34 10.28 -1.95
C2N NDP I . -17.32 10.90 -1.20
C3N NDP I . -17.49 10.59 0.12
C7N NDP I . -18.47 11.33 0.97
O7N NDP I . -18.41 11.17 2.19
N7N NDP I . -19.39 12.13 0.43
C4N NDP I . -16.66 9.50 0.72
C5N NDP I . -15.49 9.12 -0.08
C6N NDP I . -15.50 9.33 -1.38
P2B NDP I . -26.66 14.50 -10.83
O1X NDP I . -27.15 14.87 -9.45
O2X NDP I . -26.59 15.70 -11.72
O3X NDP I . -27.45 13.36 -11.43
CAF A1IXR J . -20.24 8.31 0.68
CAC A1IXR J . -20.22 8.41 -0.69
SAV A1IXR J . -21.26 9.27 -1.80
CAB A1IXR J . -20.35 8.71 -3.20
NAA A1IXR J . -20.58 8.97 -4.48
NAE A1IXR J . -19.34 7.95 -2.79
CAD A1IXR J . -19.26 7.77 -1.43
CAI A1IXR J . -18.32 7.03 -0.79
CAH A1IXR J . -18.30 6.90 0.60
CAG A1IXR J . -19.28 7.56 1.37
CAJ A1IXR J . -19.27 7.45 2.78
OAK A1IXR J . -20.22 7.81 3.46
NAL A1IXR J . -18.11 7.00 3.33
CAM A1IXR J . -17.93 6.86 4.77
CAN A1IXR J . -17.79 5.37 5.08
CAO A1IXR J . -17.42 5.19 6.41
CAP A1IXR J . -17.60 6.19 7.36
CAQ A1IXR J . -17.21 6.00 8.69
BRAU A1IXR J . -17.44 7.43 9.99
CAR A1IXR J . -16.65 4.76 9.07
CAS A1IXR J . -16.47 3.76 8.13
CAT A1IXR J . -16.86 3.96 6.81
C1 EDO K . -29.27 22.97 -20.02
O1 EDO K . -30.32 22.49 -19.18
C2 EDO K . -28.55 21.82 -20.61
O2 EDO K . -29.35 21.00 -21.46
C1 EDO L . -31.38 29.55 -11.55
O1 EDO L . -30.48 30.45 -12.17
C2 EDO L . -31.99 30.05 -10.30
O2 EDO L . -31.11 30.94 -9.63
PA NDP M . 5.28 -12.51 22.80
O1A NDP M . 4.68 -13.61 23.59
O2A NDP M . 4.87 -11.09 23.08
O5B NDP M . 6.88 -12.61 22.84
C5B NDP M . 7.55 -13.72 22.19
C4B NDP M . 8.87 -13.97 22.88
O4B NDP M . 9.77 -12.87 22.59
C3B NDP M . 8.83 -13.97 24.41
O3B NDP M . 8.31 -15.19 24.92
C2B NDP M . 10.29 -13.68 24.78
O2B NDP M . 11.14 -14.81 25.04
C1B NDP M . 10.80 -12.93 23.54
N9A NDP M . 11.26 -11.58 23.88
C8A NDP M . 10.53 -10.49 24.29
N7A NDP M . 11.26 -9.45 24.59
C5A NDP M . 12.57 -9.90 24.41
C6A NDP M . 13.83 -9.27 24.58
N6A NDP M . 13.99 -8.02 25.02
N1A NDP M . 14.93 -10.02 24.33
C2A NDP M . 14.78 -11.28 23.92
N3A NDP M . 13.65 -11.97 23.71
C4A NDP M . 12.58 -11.21 23.99
O3 NDP M . 4.99 -12.86 21.27
PN NDP M . 3.82 -13.70 20.57
O1N NDP M . 2.53 -13.23 21.17
O2N NDP M . 4.18 -15.15 20.55
O5D NDP M . 3.97 -13.10 19.08
C5D NDP M . 5.00 -13.59 18.18
C4D NDP M . 5.16 -12.61 17.04
O4D NDP M . 3.85 -12.32 16.44
C3D NDP M . 5.75 -11.25 17.46
O3D NDP M . 6.82 -10.93 16.57
C2D NDP M . 4.53 -10.33 17.38
O2D NDP M . 4.82 -8.94 17.22
C1D NDP M . 3.72 -10.93 16.25
N1N NDP M . 2.26 -10.60 16.38
C2N NDP M . 1.44 -11.37 17.17
C3N NDP M . 0.24 -10.90 17.61
C7N NDP M . -0.49 -11.69 18.61
O7N NDP M . -1.72 -11.70 18.59
N7N NDP M . 0.19 -12.35 19.54
C4N NDP M . -0.27 -9.62 17.06
C5N NDP M . 0.53 -9.07 15.97
C6N NDP M . 1.73 -9.53 15.69
P2B NDP M . 11.43 -15.21 26.58
O1X NDP M . 12.38 -16.35 26.50
O2X NDP M . 11.95 -14.10 27.46
O3X NDP M . 10.02 -15.63 26.98
PA NDP N . -3.12 -15.90 -20.27
O1A NDP N . -2.48 -17.08 -20.92
O2A NDP N . -2.83 -14.56 -20.86
O5B NDP N . -4.72 -16.08 -20.23
C5B NDP N . -5.40 -17.08 -19.45
C4B NDP N . -6.65 -17.47 -20.19
O4B NDP N . -7.66 -16.43 -20.11
C3B NDP N . -6.51 -17.68 -21.71
O3B NDP N . -5.84 -18.90 -21.98
C2B NDP N . -7.95 -17.53 -22.23
O2B NDP N . -8.70 -18.75 -22.45
C1B NDP N . -8.62 -16.73 -21.10
N9A NDP N . -9.34 -15.56 -21.59
C8A NDP N . -8.85 -14.46 -22.25
N7A NDP N . -9.79 -13.66 -22.68
C5A NDP N . -10.98 -14.30 -22.33
C6A NDP N . -12.34 -13.98 -22.53
N6A NDP N . -12.76 -12.91 -23.19
N1A NDP N . -13.28 -14.87 -22.10
C2A NDP N . -12.85 -15.99 -21.47
N3A NDP N . -11.60 -16.38 -21.22
C4A NDP N . -10.71 -15.49 -21.68
O3 NDP N . -2.82 -15.91 -18.69
PN NDP N . -1.53 -16.43 -17.89
O1N NDP N . -0.36 -15.76 -18.52
O2N NDP N . -1.65 -17.93 -17.81
O5D NDP N . -1.74 -15.82 -16.39
C5D NDP N . -2.82 -16.31 -15.53
C4D NDP N . -3.29 -15.20 -14.62
O4D NDP N . -2.13 -14.63 -13.94
C3D NDP N . -4.03 -14.01 -15.28
O3D NDP N . -5.13 -13.55 -14.49
C2D NDP N . -2.95 -12.93 -15.37
O2D NDP N . -3.44 -11.59 -15.41
C1D NDP N . -2.09 -13.22 -14.13
N1N NDP N . -0.67 -12.79 -14.30
C2N NDP N . 0.16 -13.35 -15.24
C3N NDP N . 1.49 -12.99 -15.35
C7N NDP N . 2.39 -13.66 -16.32
O7N NDP N . 3.59 -13.34 -16.34
N7N NDP N . 1.91 -14.57 -17.17
C4N NDP N . 1.99 -11.88 -14.47
C5N NDP N . 0.95 -11.17 -13.74
C6N NDP N . -0.17 -11.80 -13.46
P2B NDP N . -8.80 -19.46 -23.95
O1X NDP N . -7.39 -19.73 -24.39
O2X NDP N . -9.59 -20.72 -23.71
O3X NDP N . -9.50 -18.53 -24.93
CAF A1IXR O . 1.74 -11.09 -18.62
CAC A1IXR O . 0.42 -11.34 -18.50
SAV A1IXR O . -0.60 -12.45 -19.36
CAB A1IXR O . -2.01 -12.00 -18.49
NAA A1IXR O . -3.24 -12.49 -18.68
NAE A1IXR O . -1.69 -11.08 -17.58
CAD A1IXR O . -0.38 -10.69 -17.58
CAI A1IXR O . 0.18 -9.77 -16.76
CAH A1IXR O . 1.53 -9.47 -16.86
CAG A1IXR O . 2.35 -10.14 -17.79
CAJ A1IXR O . 3.73 -9.81 -17.85
OAK A1IXR O . 4.48 -10.21 -18.73
NAL A1IXR O . 4.14 -9.00 -16.85
CAM A1IXR O . 5.52 -8.50 -16.71
CAN A1IXR O . 5.40 -7.06 -16.19
CAO A1IXR O . 6.63 -6.51 -15.91
CAP A1IXR O . 7.78 -7.25 -16.09
CAQ A1IXR O . 9.01 -6.69 -15.79
BRAU A1IXR O . 10.52 -7.76 -16.04
CAR A1IXR O . 9.12 -5.37 -15.34
CAS A1IXR O . 7.95 -4.63 -15.18
CAT A1IXR O . 6.70 -5.18 -15.45
C1 EDO P . -0.29 -27.24 2.00
O1 EDO P . -0.56 -28.26 1.06
C2 EDO P . 0.16 -25.95 1.44
O2 EDO P . 1.07 -26.13 0.38
#